data_3GVE
#
_entry.id   3GVE
#
_cell.length_a   67.091
_cell.length_b   92.505
_cell.length_c   50.316
_cell.angle_alpha   90.00
_cell.angle_beta   89.94
_cell.angle_gamma   90.00
#
_symmetry.space_group_name_H-M   'P 1 21 1'
#
loop_
_entity.id
_entity.type
_entity.pdbx_description
1 polymer 'YfkN protein'
2 non-polymer 'MANGANESE (II) ION'
3 non-polymer 'MAGNESIUM ION'
4 non-polymer 'CITRIC ACID'
5 water water
#
_entity_poly.entity_id   1
_entity_poly.type   'polypeptide(L)'
_entity_poly.pdbx_seq_one_letter_code
;SNAESAAPQVHLSILATTDIHAN(MSE)(MSE)DYDYYSDKETADFGLARTAQLIQKHREQNPNTLLVDNGDLIQGNPLG
EYAVKYQKDDIISGTKTHPIISV(MSE)NALKYDAGTLGNHEFNYGLDFLDGTIKGADFPIVNANVKTTSGENRYTPYVI
NEKTLIDENGNEQKVKVGYIGFVPPQI(MSE)TWDKKNLEGQVQVQDIVESANETIPK(MSE)KAEGADVIIALAHTGIE
KQAQSSGAENAVFDLATKTKGIDAIISGHQHGLFPSAEYAGVAQFNVEKGTINGIPVV(MSE)PSSWGKYLGVIDLKLEK
ADGSWKVADSKGSIESIAGNVTSRNETVTNTIQQTHQNTLEYVRK
;
_entity_poly.pdbx_strand_id   A,B
#
# COMPACT_ATOMS: atom_id res chain seq x y z
N PRO A 8 14.26 -44.59 10.35
CA PRO A 8 14.89 -43.79 9.29
C PRO A 8 13.98 -42.58 8.95
N GLN A 9 14.54 -41.40 8.78
CA GLN A 9 13.64 -40.29 8.64
C GLN A 9 13.39 -39.91 7.18
N VAL A 10 12.32 -39.17 6.97
CA VAL A 10 12.06 -38.42 5.72
C VAL A 10 12.23 -36.91 5.99
N HIS A 11 13.06 -36.23 5.23
CA HIS A 11 13.13 -34.78 5.36
C HIS A 11 12.19 -34.17 4.33
N LEU A 12 11.11 -33.57 4.76
CA LEU A 12 10.16 -32.92 3.89
C LEU A 12 10.30 -31.39 4.06
N SER A 13 10.43 -30.67 2.96
CA SER A 13 10.52 -29.21 3.00
C SER A 13 9.25 -28.63 2.40
N ILE A 14 8.73 -27.58 3.02
CA ILE A 14 7.57 -26.88 2.48
C ILE A 14 7.98 -25.45 2.24
N LEU A 15 7.84 -25.00 1.01
CA LEU A 15 8.12 -23.61 0.64
C LEU A 15 6.80 -22.87 0.47
N ALA A 16 6.74 -21.62 0.94
CA ALA A 16 5.46 -20.89 0.99
C ALA A 16 5.55 -19.43 0.61
N THR A 17 4.58 -18.99 -0.21
CA THR A 17 4.42 -17.53 -0.45
C THR A 17 3.13 -17.07 0.19
N THR A 18 3.05 -15.80 0.50
CA THR A 18 1.81 -15.22 1.01
C THR A 18 1.70 -13.75 0.62
N ASP A 19 0.46 -13.28 0.49
CA ASP A 19 0.20 -11.87 0.28
C ASP A 19 1.01 -11.29 -0.88
N ILE A 20 1.07 -12.01 -2.02
N ILE A 20 1.12 -12.06 -1.99
CA ILE A 20 1.82 -11.61 -3.22
CA ILE A 20 1.82 -11.64 -3.19
C ILE A 20 1.14 -10.41 -3.85
C ILE A 20 1.13 -10.42 -3.86
N HIS A 21 -0.17 -10.35 -3.78
CA HIS A 21 -1.00 -9.22 -4.17
C HIS A 21 -0.73 -8.84 -5.64
N ALA A 22 -0.69 -9.87 -6.49
CA ALA A 22 -0.60 -9.71 -7.96
C ALA A 22 0.72 -9.13 -8.45
N ASN A 23 1.68 -9.03 -7.56
CA ASN A 23 3.03 -8.59 -7.93
C ASN A 23 3.84 -9.75 -8.55
N ASP A 26 8.90 -7.72 -10.78
CA ASP A 26 9.50 -6.81 -9.81
C ASP A 26 9.31 -5.39 -10.35
N TYR A 27 8.07 -4.92 -10.29
CA TYR A 27 7.62 -3.73 -11.01
C TYR A 27 6.55 -2.96 -10.24
N ASP A 28 6.73 -1.64 -10.17
CA ASP A 28 5.78 -0.72 -9.58
C ASP A 28 4.98 -0.08 -10.71
N TYR A 29 3.73 -0.48 -10.87
CA TYR A 29 2.90 0.06 -11.95
C TYR A 29 2.50 1.52 -11.73
N TYR A 30 2.52 1.96 -10.48
CA TYR A 30 2.12 3.34 -10.15
C TYR A 30 3.22 4.33 -10.51
N SER A 31 4.48 4.12 -10.16
N SER A 31 4.49 4.11 -10.15
CA SER A 31 5.55 4.98 -10.63
CA SER A 31 5.62 4.92 -10.62
C SER A 31 5.98 4.60 -12.05
C SER A 31 5.98 4.60 -12.07
N ASP A 32 5.54 3.44 -12.58
CA ASP A 32 5.83 2.87 -13.89
C ASP A 32 7.32 2.64 -14.01
N LYS A 33 7.87 1.91 -13.06
CA LYS A 33 9.25 1.49 -13.14
C LYS A 33 9.55 0.22 -12.38
N GLU A 34 10.65 -0.39 -12.78
CA GLU A 34 11.24 -1.54 -12.14
C GLU A 34 11.64 -1.25 -10.70
N THR A 35 11.50 -2.27 -9.86
CA THR A 35 12.03 -2.26 -8.50
C THR A 35 12.84 -3.55 -8.20
N ALA A 36 13.72 -3.53 -7.22
CA ALA A 36 14.43 -4.73 -6.81
C ALA A 36 13.86 -5.31 -5.52
N ASP A 37 12.83 -4.64 -5.03
N ASP A 37 12.83 -4.67 -5.03
CA ASP A 37 12.33 -4.74 -3.67
CA ASP A 37 12.44 -4.91 -3.67
C ASP A 37 11.35 -5.91 -3.47
C ASP A 37 11.37 -5.96 -3.46
N PHE A 38 10.66 -6.33 -4.52
CA PHE A 38 9.58 -7.31 -4.39
C PHE A 38 9.27 -7.99 -5.70
N GLY A 39 8.32 -8.92 -5.68
CA GLY A 39 7.81 -9.56 -6.88
C GLY A 39 8.12 -11.04 -6.98
N LEU A 40 7.13 -11.82 -7.40
CA LEU A 40 7.27 -13.26 -7.53
C LEU A 40 8.41 -13.66 -8.48
N ALA A 41 8.69 -12.83 -9.48
CA ALA A 41 9.82 -13.09 -10.36
C ALA A 41 11.14 -13.20 -9.59
N ARG A 42 11.27 -12.48 -8.48
CA ARG A 42 12.44 -12.61 -7.61
C ARG A 42 12.28 -13.75 -6.59
N THR A 43 11.11 -13.86 -5.98
CA THR A 43 10.90 -14.93 -4.99
C THR A 43 11.13 -16.31 -5.60
N ALA A 44 10.77 -16.46 -6.87
CA ALA A 44 10.91 -17.72 -7.57
C ALA A 44 12.37 -18.17 -7.67
N GLN A 45 13.30 -17.24 -7.54
CA GLN A 45 14.72 -17.60 -7.53
C GLN A 45 15.05 -18.31 -6.23
N LEU A 46 14.46 -17.88 -5.11
CA LEU A 46 14.61 -18.60 -3.84
C LEU A 46 13.93 -19.98 -3.91
N ILE A 47 12.79 -20.03 -4.57
CA ILE A 47 12.06 -21.30 -4.71
C ILE A 47 12.97 -22.32 -5.42
N GLN A 48 13.58 -21.90 -6.54
CA GLN A 48 14.45 -22.77 -7.31
C GLN A 48 15.63 -23.23 -6.46
N LYS A 49 16.23 -22.31 -5.74
CA LYS A 49 17.36 -22.66 -4.89
C LYS A 49 16.99 -23.73 -3.85
N HIS A 50 15.87 -23.54 -3.16
CA HIS A 50 15.46 -24.49 -2.14
C HIS A 50 15.07 -25.84 -2.73
N ARG A 51 14.44 -25.83 -3.90
CA ARG A 51 14.11 -27.07 -4.58
C ARG A 51 15.38 -27.88 -4.90
N GLU A 52 16.46 -27.18 -5.23
CA GLU A 52 17.73 -27.87 -5.52
C GLU A 52 18.33 -28.53 -4.29
N GLN A 53 17.94 -28.07 -3.11
CA GLN A 53 18.49 -28.59 -1.89
C GLN A 53 17.80 -29.85 -1.37
N ASN A 54 16.55 -30.08 -1.76
CA ASN A 54 15.84 -31.26 -1.28
C ASN A 54 14.81 -31.77 -2.28
N PRO A 55 14.92 -32.98 -2.77
CA PRO A 55 13.89 -33.49 -3.68
C PRO A 55 12.48 -33.54 -3.09
N ASN A 56 12.38 -33.73 -1.78
CA ASN A 56 11.08 -33.78 -1.11
C ASN A 56 10.61 -32.38 -0.76
N THR A 57 10.24 -31.60 -1.77
CA THR A 57 9.84 -30.22 -1.56
C THR A 57 8.45 -29.94 -2.11
N LEU A 58 7.62 -29.35 -1.26
CA LEU A 58 6.31 -28.89 -1.64
C LEU A 58 6.33 -27.37 -1.72
N LEU A 59 5.43 -26.81 -2.53
CA LEU A 59 5.32 -25.37 -2.72
C LEU A 59 3.85 -24.95 -2.62
N VAL A 60 3.59 -24.03 -1.71
CA VAL A 60 2.21 -23.60 -1.42
C VAL A 60 2.10 -22.08 -1.38
N ASP A 61 0.93 -21.59 -1.73
CA ASP A 61 0.61 -20.18 -1.59
C ASP A 61 -0.47 -19.98 -0.54
N ASN A 62 -0.35 -18.89 0.21
CA ASN A 62 -1.27 -18.63 1.32
C ASN A 62 -2.36 -17.57 1.11
N GLY A 63 -2.60 -17.18 -0.14
CA GLY A 63 -3.69 -16.27 -0.44
C GLY A 63 -3.31 -14.79 -0.47
N ASP A 64 -4.31 -13.94 -0.70
CA ASP A 64 -4.11 -12.52 -1.08
C ASP A 64 -3.13 -12.47 -2.27
N LEU A 65 -3.50 -13.22 -3.30
CA LEU A 65 -2.67 -13.49 -4.48
C LEU A 65 -3.09 -12.74 -5.75
N ILE A 66 -4.38 -12.72 -6.04
CA ILE A 66 -4.87 -12.28 -7.34
C ILE A 66 -5.29 -10.82 -7.43
N GLN A 67 -5.22 -10.11 -6.31
CA GLN A 67 -5.69 -8.72 -6.24
C GLN A 67 -4.66 -7.85 -5.56
N GLY A 68 -4.59 -6.59 -5.98
CA GLY A 68 -3.81 -5.60 -5.26
C GLY A 68 -3.13 -4.53 -6.10
N ASN A 69 -2.87 -4.86 -7.36
CA ASN A 69 -2.20 -3.91 -8.26
C ASN A 69 -2.90 -3.85 -9.63
N PRO A 70 -2.41 -3.06 -10.57
CA PRO A 70 -3.09 -2.95 -11.87
C PRO A 70 -3.07 -4.22 -12.73
N LEU A 71 -2.16 -5.15 -12.48
CA LEU A 71 -2.17 -6.42 -13.20
C LEU A 71 -3.40 -7.24 -12.79
N GLY A 72 -3.72 -7.24 -11.50
CA GLY A 72 -4.93 -7.89 -11.04
C GLY A 72 -6.18 -7.24 -11.60
N GLU A 73 -6.15 -5.91 -11.70
CA GLU A 73 -7.24 -5.13 -12.29
C GLU A 73 -7.40 -5.45 -13.78
N TYR A 74 -6.27 -5.53 -14.47
CA TYR A 74 -6.29 -5.86 -15.88
C TYR A 74 -7.03 -7.20 -16.11
N ALA A 75 -6.74 -8.19 -15.27
CA ALA A 75 -7.33 -9.49 -15.45
C ALA A 75 -8.85 -9.49 -15.32
N VAL A 76 -9.33 -8.86 -14.25
CA VAL A 76 -10.75 -8.79 -14.03
C VAL A 76 -11.47 -7.94 -15.09
N LYS A 77 -10.85 -6.85 -15.54
CA LYS A 77 -11.49 -5.98 -16.51
C LYS A 77 -11.47 -6.57 -17.92
N TYR A 78 -10.34 -7.07 -18.35
CA TYR A 78 -10.18 -7.54 -19.73
C TYR A 78 -10.49 -9.01 -19.98
N GLN A 79 -10.45 -9.84 -18.93
CA GLN A 79 -10.61 -11.28 -19.08
C GLN A 79 -11.68 -11.92 -18.20
N LYS A 80 -12.54 -11.12 -17.58
CA LYS A 80 -13.54 -11.66 -16.68
C LYS A 80 -14.36 -12.80 -17.27
N ASP A 81 -14.93 -12.57 -18.45
CA ASP A 81 -15.83 -13.55 -19.02
C ASP A 81 -15.17 -14.88 -19.30
N ASP A 82 -14.00 -14.85 -19.92
CA ASP A 82 -13.27 -16.08 -20.24
C ASP A 82 -12.66 -16.78 -19.02
N ILE A 83 -12.32 -16.01 -17.98
CA ILE A 83 -11.83 -16.62 -16.75
C ILE A 83 -13.00 -17.31 -16.05
N ILE A 84 -14.17 -16.67 -16.05
CA ILE A 84 -15.34 -17.25 -15.40
C ILE A 84 -15.78 -18.58 -16.02
N SER A 85 -15.74 -18.64 -17.35
CA SER A 85 -16.15 -19.81 -18.10
C SER A 85 -15.07 -20.90 -18.09
N GLY A 86 -13.86 -20.51 -17.71
CA GLY A 86 -12.74 -21.45 -17.69
C GLY A 86 -12.04 -21.53 -19.03
N THR A 87 -12.49 -20.74 -19.96
CA THR A 87 -11.90 -20.59 -21.26
C THR A 87 -10.45 -20.06 -21.27
N LYS A 88 -10.19 -19.08 -20.41
CA LYS A 88 -8.84 -18.55 -20.27
C LYS A 88 -8.45 -18.80 -18.84
N THR A 89 -7.20 -19.16 -18.64
CA THR A 89 -6.65 -19.25 -17.29
C THR A 89 -6.29 -17.85 -16.77
N HIS A 90 -6.61 -17.55 -15.53
CA HIS A 90 -6.19 -16.27 -14.96
C HIS A 90 -4.67 -16.20 -15.11
N PRO A 91 -4.15 -15.10 -15.65
CA PRO A 91 -2.69 -14.99 -15.89
C PRO A 91 -1.85 -15.21 -14.62
N ILE A 92 -2.33 -14.80 -13.46
CA ILE A 92 -1.60 -15.05 -12.22
C ILE A 92 -1.54 -16.57 -11.94
N ILE A 93 -2.67 -17.23 -12.12
CA ILE A 93 -2.73 -18.68 -11.99
C ILE A 93 -1.81 -19.39 -13.01
N SER A 94 -1.72 -18.88 -14.23
CA SER A 94 -0.72 -19.44 -15.19
C SER A 94 0.69 -19.41 -14.65
N VAL A 95 1.05 -18.34 -13.96
CA VAL A 95 2.38 -18.29 -13.33
C VAL A 95 2.55 -19.37 -12.26
N ASN A 97 0.98 -22.18 -12.02
CA ASN A 97 0.95 -23.44 -12.71
C ASN A 97 2.38 -23.71 -13.23
N ALA A 98 2.98 -22.68 -13.81
CA ALA A 98 4.31 -22.79 -14.40
C ALA A 98 5.37 -23.07 -13.32
N LEU A 99 5.18 -22.53 -12.13
CA LEU A 99 6.08 -22.76 -10.99
C LEU A 99 5.75 -24.07 -10.25
N LYS A 100 4.71 -24.74 -10.72
CA LYS A 100 4.31 -26.04 -10.17
C LYS A 100 3.99 -25.97 -8.67
N TYR A 101 3.14 -25.00 -8.30
CA TYR A 101 2.60 -24.98 -6.94
C TYR A 101 1.82 -26.27 -6.67
N ASP A 102 1.88 -26.72 -5.42
CA ASP A 102 1.15 -27.92 -5.00
C ASP A 102 -0.22 -27.62 -4.38
N ALA A 103 -0.40 -26.41 -3.84
CA ALA A 103 -1.65 -26.03 -3.22
C ALA A 103 -1.73 -24.52 -3.03
N GLY A 104 -2.94 -24.01 -2.91
CA GLY A 104 -3.13 -22.62 -2.57
C GLY A 104 -4.39 -22.46 -1.72
N THR A 105 -4.69 -21.21 -1.34
CA THR A 105 -5.87 -20.95 -0.49
C THR A 105 -6.44 -19.59 -0.75
N LEU A 106 -7.52 -19.22 -0.06
CA LEU A 106 -8.15 -17.95 -0.25
C LEU A 106 -7.77 -16.99 0.84
N GLY A 107 -7.32 -15.79 0.38
CA GLY A 107 -7.15 -14.70 1.30
C GLY A 107 -8.41 -13.81 1.15
N ASN A 108 -8.51 -12.81 2.05
CA ASN A 108 -9.71 -11.95 1.99
C ASN A 108 -9.86 -11.25 0.64
N HIS A 109 -8.72 -10.84 0.08
CA HIS A 109 -8.76 -10.07 -1.20
C HIS A 109 -9.18 -10.93 -2.41
N GLU A 110 -9.18 -12.25 -2.29
CA GLU A 110 -9.69 -13.10 -3.36
C GLU A 110 -11.18 -12.88 -3.61
N PHE A 111 -11.87 -12.29 -2.66
CA PHE A 111 -13.32 -12.07 -2.77
C PHE A 111 -13.70 -10.72 -3.33
N ASN A 112 -12.72 -9.84 -3.53
CA ASN A 112 -12.97 -8.45 -3.92
C ASN A 112 -13.68 -8.29 -5.27
N TYR A 113 -13.51 -9.27 -6.15
CA TYR A 113 -14.08 -9.17 -7.50
C TYR A 113 -15.31 -10.06 -7.67
N GLY A 114 -15.83 -10.57 -6.56
CA GLY A 114 -17.06 -11.35 -6.59
C GLY A 114 -16.83 -12.85 -6.62
N LEU A 115 -17.85 -13.60 -6.26
CA LEU A 115 -17.77 -15.05 -6.16
C LEU A 115 -17.58 -15.75 -7.51
N ASP A 116 -18.21 -15.23 -8.56
CA ASP A 116 -18.11 -15.90 -9.85
C ASP A 116 -16.70 -15.82 -10.42
N PHE A 117 -16.09 -14.63 -10.34
CA PHE A 117 -14.73 -14.45 -10.82
C PHE A 117 -13.76 -15.33 -10.05
N LEU A 118 -13.97 -15.45 -8.74
CA LEU A 118 -13.12 -16.30 -7.94
C LEU A 118 -13.26 -17.78 -8.35
N ASP A 119 -14.49 -18.23 -8.55
CA ASP A 119 -14.72 -19.60 -9.01
C ASP A 119 -14.00 -19.82 -10.35
N GLY A 120 -14.10 -18.86 -11.25
CA GLY A 120 -13.46 -18.97 -12.54
C GLY A 120 -11.95 -19.02 -12.42
N THR A 121 -11.41 -18.21 -11.52
CA THR A 121 -9.97 -18.17 -11.28
C THR A 121 -9.44 -19.52 -10.81
N ILE A 122 -10.17 -20.13 -9.87
CA ILE A 122 -9.81 -21.43 -9.32
C ILE A 122 -9.83 -22.53 -10.40
N LYS A 123 -10.77 -22.44 -11.34
CA LYS A 123 -10.93 -23.49 -12.38
C LYS A 123 -9.67 -23.76 -13.16
N GLY A 124 -8.87 -22.72 -13.38
CA GLY A 124 -7.65 -22.80 -14.15
C GLY A 124 -6.39 -23.32 -13.42
N ALA A 125 -6.43 -23.45 -12.07
CA ALA A 125 -5.28 -23.94 -11.34
C ALA A 125 -5.09 -25.41 -11.55
N ASP A 126 -3.86 -25.83 -11.75
CA ASP A 126 -3.52 -27.24 -11.90
C ASP A 126 -3.51 -27.88 -10.53
N PHE A 127 -3.42 -27.06 -9.50
CA PHE A 127 -3.29 -27.52 -8.13
C PHE A 127 -4.57 -27.16 -7.36
N PRO A 128 -4.80 -27.86 -6.26
CA PRO A 128 -5.97 -27.59 -5.44
C PRO A 128 -5.86 -26.26 -4.69
N ILE A 129 -6.95 -25.52 -4.66
CA ILE A 129 -7.09 -24.31 -3.86
C ILE A 129 -8.16 -24.63 -2.82
N VAL A 130 -7.78 -24.64 -1.57
CA VAL A 130 -8.63 -25.17 -0.52
C VAL A 130 -9.08 -24.07 0.43
N ASN A 131 -10.26 -24.26 1.00
CA ASN A 131 -10.76 -23.42 2.07
C ASN A 131 -11.85 -24.18 2.83
N ALA A 132 -11.73 -24.24 4.14
CA ALA A 132 -12.61 -25.06 4.94
C ALA A 132 -13.70 -24.28 5.63
N ASN A 133 -13.52 -22.98 5.82
CA ASN A 133 -14.45 -22.22 6.68
C ASN A 133 -15.53 -21.37 5.99
N VAL A 134 -15.37 -21.07 4.72
CA VAL A 134 -16.44 -20.39 4.00
C VAL A 134 -17.51 -21.39 3.57
N LYS A 135 -18.75 -21.12 3.95
CA LYS A 135 -19.86 -22.04 3.68
C LYS A 135 -21.01 -21.36 2.94
N THR A 136 -21.84 -22.17 2.29
CA THR A 136 -23.08 -21.66 1.70
C THR A 136 -24.00 -21.29 2.88
N THR A 137 -25.07 -20.57 2.56
CA THR A 137 -26.00 -20.16 3.61
C THR A 137 -26.66 -21.35 4.29
N SER A 138 -26.69 -22.49 3.63
CA SER A 138 -27.25 -23.70 4.23
C SER A 138 -26.22 -24.56 4.97
N GLY A 139 -24.95 -24.16 4.92
CA GLY A 139 -23.90 -24.82 5.68
C GLY A 139 -22.96 -25.78 4.95
N GLU A 140 -23.05 -25.82 3.63
CA GLU A 140 -22.16 -26.67 2.87
C GLU A 140 -20.82 -25.96 2.63
N ASN A 141 -19.74 -26.71 2.51
CA ASN A 141 -18.48 -26.06 2.15
C ASN A 141 -18.64 -25.39 0.79
N ARG A 142 -18.25 -24.12 0.72
CA ARG A 142 -18.36 -23.36 -0.51
C ARG A 142 -17.20 -23.67 -1.46
N TYR A 143 -16.10 -24.19 -0.92
CA TYR A 143 -14.89 -24.52 -1.67
C TYR A 143 -14.43 -25.91 -1.25
N THR A 144 -13.55 -26.50 -2.04
CA THR A 144 -12.87 -27.73 -1.65
C THR A 144 -12.28 -27.53 -0.24
N PRO A 145 -12.75 -28.29 0.74
CA PRO A 145 -12.31 -28.00 2.11
C PRO A 145 -10.88 -28.41 2.43
N TYR A 146 -10.40 -29.44 1.79
CA TYR A 146 -9.06 -29.94 2.00
C TYR A 146 -8.80 -30.90 0.86
N VAL A 147 -7.52 -31.26 0.73
N VAL A 147 -7.54 -31.26 0.69
CA VAL A 147 -7.13 -32.32 -0.25
CA VAL A 147 -7.18 -32.29 -0.26
C VAL A 147 -6.06 -33.12 0.42
C VAL A 147 -6.06 -33.10 0.41
N ILE A 148 -5.99 -34.34 0.06
CA ILE A 148 -4.94 -35.26 0.47
C ILE A 148 -4.30 -35.90 -0.76
N ASN A 149 -2.98 -35.80 -0.85
CA ASN A 149 -2.21 -36.37 -1.96
C ASN A 149 -1.22 -37.36 -1.40
N GLU A 150 -1.20 -38.56 -1.96
CA GLU A 150 -0.22 -39.54 -1.58
C GLU A 150 1.06 -39.22 -2.36
N LYS A 151 2.11 -38.89 -1.62
CA LYS A 151 3.39 -38.52 -2.19
C LYS A 151 4.41 -39.65 -2.01
N THR A 152 5.23 -39.91 -3.03
CA THR A 152 6.33 -40.91 -2.84
C THR A 152 7.54 -40.04 -2.50
N LEU A 153 7.91 -40.08 -1.24
CA LEU A 153 9.01 -39.30 -0.75
C LEU A 153 10.19 -40.23 -0.59
N ILE A 154 11.39 -39.65 -0.57
CA ILE A 154 12.60 -40.46 -0.44
C ILE A 154 13.18 -40.25 0.95
N ASP A 155 13.38 -41.33 1.69
CA ASP A 155 13.92 -41.21 3.04
C ASP A 155 15.44 -41.06 3.07
N GLU A 156 16.01 -40.97 4.26
CA GLU A 156 17.45 -40.73 4.38
C GLU A 156 18.31 -41.93 3.96
N ASN A 157 17.67 -43.08 3.80
CA ASN A 157 18.32 -44.28 3.28
C ASN A 157 18.12 -44.39 1.77
N GLY A 158 17.48 -43.40 1.16
CA GLY A 158 17.23 -43.42 -0.25
C GLY A 158 16.01 -44.24 -0.65
N ASN A 159 15.30 -44.77 0.32
CA ASN A 159 14.14 -45.62 0.08
C ASN A 159 12.84 -44.85 -0.09
N GLU A 160 11.90 -45.43 -0.83
CA GLU A 160 10.63 -44.78 -1.06
C GLU A 160 9.71 -44.92 0.13
N GLN A 161 9.02 -43.83 0.45
CA GLN A 161 8.03 -43.85 1.53
C GLN A 161 6.80 -43.09 1.03
N LYS A 162 5.68 -43.79 0.98
CA LYS A 162 4.42 -43.16 0.63
C LYS A 162 3.87 -42.45 1.84
N VAL A 163 3.69 -41.14 1.70
CA VAL A 163 3.21 -40.28 2.76
C VAL A 163 2.03 -39.46 2.25
N LYS A 164 0.90 -39.51 2.94
CA LYS A 164 -0.30 -38.75 2.50
C LYS A 164 -0.27 -37.37 3.16
N VAL A 165 -0.15 -36.37 2.29
CA VAL A 165 -0.09 -34.96 2.73
C VAL A 165 -1.42 -34.32 2.46
N GLY A 166 -1.97 -33.70 3.47
CA GLY A 166 -3.20 -32.97 3.40
C GLY A 166 -3.02 -31.47 3.45
N TYR A 167 -3.82 -30.71 2.73
CA TYR A 167 -3.79 -29.27 2.84
C TYR A 167 -5.19 -28.82 3.24
N ILE A 168 -5.24 -27.90 4.19
CA ILE A 168 -6.47 -27.26 4.61
C ILE A 168 -6.22 -25.76 4.65
N GLY A 169 -7.23 -24.97 4.34
CA GLY A 169 -7.07 -23.52 4.30
C GLY A 169 -8.15 -22.78 5.06
N PHE A 170 -7.80 -21.59 5.54
CA PHE A 170 -8.70 -20.72 6.31
C PHE A 170 -8.57 -19.26 5.91
N VAL A 171 -9.68 -18.55 5.98
CA VAL A 171 -9.72 -17.11 5.70
C VAL A 171 -10.40 -16.40 6.88
N PRO A 172 -10.11 -15.12 7.10
CA PRO A 172 -10.75 -14.45 8.25
C PRO A 172 -12.26 -14.25 8.03
N PRO A 173 -13.04 -14.45 9.08
CA PRO A 173 -14.49 -14.25 8.98
C PRO A 173 -14.90 -12.81 8.67
N GLN A 174 -13.97 -11.88 8.84
CA GLN A 174 -14.19 -10.48 8.57
C GLN A 174 -14.42 -10.18 7.09
N ILE A 175 -14.28 -11.17 6.21
CA ILE A 175 -14.63 -10.95 4.80
C ILE A 175 -16.11 -10.56 4.66
N THR A 177 -17.58 -8.41 6.39
CA THR A 177 -17.56 -6.97 6.48
C THR A 177 -16.84 -6.34 5.29
N TRP A 178 -15.61 -6.80 5.03
CA TRP A 178 -14.79 -6.23 3.97
C TRP A 178 -15.44 -6.36 2.58
N ASP A 179 -16.14 -7.46 2.37
CA ASP A 179 -16.82 -7.74 1.09
C ASP A 179 -18.33 -7.97 1.29
N LYS A 180 -18.90 -7.16 2.18
CA LYS A 180 -20.34 -7.19 2.43
C LYS A 180 -21.21 -7.21 1.14
N LYS A 181 -20.92 -6.32 0.21
CA LYS A 181 -21.72 -6.24 -1.03
C LYS A 181 -21.64 -7.53 -1.81
N ASN A 182 -20.45 -8.11 -1.92
CA ASN A 182 -20.27 -9.35 -2.69
C ASN A 182 -20.71 -10.61 -1.99
N LEU A 183 -20.81 -10.57 -0.67
CA LEU A 183 -20.97 -11.78 0.11
C LEU A 183 -22.23 -11.93 0.95
N GLU A 184 -22.81 -10.80 1.37
CA GLU A 184 -24.00 -10.86 2.22
C GLU A 184 -25.12 -11.64 1.54
N GLY A 185 -25.68 -12.60 2.26
CA GLY A 185 -26.75 -13.42 1.72
C GLY A 185 -26.31 -14.56 0.81
N GLN A 186 -25.00 -14.65 0.56
CA GLN A 186 -24.46 -15.65 -0.35
C GLN A 186 -23.54 -16.70 0.28
N VAL A 187 -22.82 -16.32 1.33
CA VAL A 187 -21.99 -17.25 2.09
C VAL A 187 -22.04 -16.81 3.52
N GLN A 188 -21.52 -17.68 4.36
CA GLN A 188 -21.22 -17.36 5.76
C GLN A 188 -19.83 -17.90 6.10
N VAL A 189 -19.22 -17.46 7.18
CA VAL A 189 -17.87 -17.92 7.49
C VAL A 189 -17.73 -18.40 8.91
N GLN A 190 -17.35 -19.65 9.03
CA GLN A 190 -17.14 -20.31 10.29
C GLN A 190 -15.83 -19.85 10.94
N ASP A 191 -15.85 -19.75 12.25
CA ASP A 191 -14.65 -19.47 13.03
C ASP A 191 -13.51 -20.36 12.58
N ILE A 192 -12.33 -19.78 12.49
CA ILE A 192 -11.15 -20.50 12.04
C ILE A 192 -10.84 -21.77 12.85
N VAL A 193 -10.69 -21.66 14.18
CA VAL A 193 -10.42 -22.83 15.03
C VAL A 193 -11.52 -23.90 14.94
N GLU A 194 -12.78 -23.44 14.96
CA GLU A 194 -13.92 -24.36 14.89
C GLU A 194 -13.96 -25.08 13.55
N SER A 195 -13.61 -24.44 12.49
N SER A 195 -13.64 -24.43 12.49
CA SER A 195 -13.49 -25.09 11.16
CA SER A 195 -13.51 -25.09 11.18
C SER A 195 -12.41 -26.12 11.20
C SER A 195 -12.38 -26.14 11.19
N ALA A 196 -11.28 -25.79 11.80
CA ALA A 196 -10.18 -26.75 11.89
C ALA A 196 -10.60 -27.97 12.69
N ASN A 197 -11.25 -27.76 13.85
CA ASN A 197 -11.65 -28.86 14.70
C ASN A 197 -12.71 -29.76 14.05
N GLU A 198 -13.52 -29.19 13.18
CA GLU A 198 -14.54 -29.95 12.45
C GLU A 198 -13.91 -30.77 11.34
N THR A 199 -12.90 -30.20 10.69
CA THR A 199 -12.35 -30.77 9.47
C THR A 199 -11.19 -31.75 9.65
N ILE A 200 -10.28 -31.46 10.56
CA ILE A 200 -9.12 -32.30 10.80
C ILE A 200 -9.47 -33.79 11.02
N PRO A 201 -10.50 -34.11 11.81
CA PRO A 201 -10.84 -35.53 12.05
C PRO A 201 -11.17 -36.27 10.74
N LYS A 202 -11.79 -35.57 9.83
CA LYS A 202 -12.13 -36.18 8.57
C LYS A 202 -10.87 -36.44 7.78
N LYS A 204 -7.87 -36.96 9.03
CA LYS A 204 -7.20 -38.09 9.61
C LYS A 204 -7.89 -39.41 9.20
N ALA A 205 -9.22 -39.40 9.19
CA ALA A 205 -9.99 -40.60 8.72
C ALA A 205 -9.61 -40.99 7.33
N GLU A 206 -9.48 -40.04 6.42
CA GLU A 206 -9.08 -40.31 5.05
C GLU A 206 -7.59 -40.58 4.87
N GLY A 207 -6.84 -40.68 5.95
CA GLY A 207 -5.49 -41.16 5.86
C GLY A 207 -4.37 -40.13 5.84
N ALA A 208 -4.69 -38.87 6.04
CA ALA A 208 -3.62 -37.87 6.05
C ALA A 208 -2.57 -38.20 7.09
N ASP A 209 -1.32 -38.26 6.66
CA ASP A 209 -0.17 -38.46 7.55
C ASP A 209 0.43 -37.14 8.04
N VAL A 210 0.43 -36.15 7.16
CA VAL A 210 0.97 -34.81 7.44
C VAL A 210 -0.09 -33.81 7.02
N ILE A 211 -0.39 -32.86 7.88
CA ILE A 211 -1.41 -31.86 7.60
C ILE A 211 -0.79 -30.46 7.61
N ILE A 212 -0.96 -29.74 6.49
CA ILE A 212 -0.40 -28.36 6.31
C ILE A 212 -1.56 -27.41 6.28
N ALA A 213 -1.56 -26.45 7.21
CA ALA A 213 -2.59 -25.42 7.21
C ALA A 213 -2.14 -24.21 6.43
N LEU A 214 -2.89 -23.85 5.40
CA LEU A 214 -2.71 -22.59 4.71
C LEU A 214 -3.66 -21.60 5.41
N ALA A 215 -3.13 -21.01 6.48
CA ALA A 215 -3.92 -20.18 7.36
C ALA A 215 -3.75 -18.72 6.98
N HIS A 216 -4.71 -18.19 6.23
CA HIS A 216 -4.64 -16.79 5.83
C HIS A 216 -5.15 -15.95 6.98
N THR A 217 -4.25 -15.75 7.93
CA THR A 217 -4.57 -15.15 9.21
C THR A 217 -3.24 -14.99 9.95
N GLY A 218 -3.13 -13.96 10.76
CA GLY A 218 -1.89 -13.63 11.43
C GLY A 218 -1.82 -14.14 12.85
N ILE A 219 -0.87 -13.57 13.58
CA ILE A 219 -0.41 -14.06 14.87
C ILE A 219 -0.61 -12.98 15.92
N GLU A 220 -1.18 -13.38 17.05
CA GLU A 220 -1.17 -12.57 18.26
C GLU A 220 -0.45 -13.40 19.32
N LYS A 221 0.02 -12.74 20.35
CA LYS A 221 0.88 -13.36 21.36
C LYS A 221 0.14 -14.17 22.43
N GLN A 222 -1.17 -13.97 22.55
CA GLN A 222 -1.97 -14.65 23.56
C GLN A 222 -3.31 -15.13 22.99
N ALA A 223 -3.99 -15.99 23.74
CA ALA A 223 -5.25 -16.57 23.27
C ALA A 223 -6.31 -15.54 22.98
N GLN A 224 -7.12 -15.87 21.99
CA GLN A 224 -8.29 -15.11 21.66
C GLN A 224 -9.47 -16.10 21.58
N SER A 225 -10.66 -15.56 21.40
CA SER A 225 -11.85 -16.38 21.30
C SER A 225 -12.35 -16.49 19.88
N SER A 226 -13.49 -17.12 19.70
N SER A 226 -13.50 -17.12 19.70
CA SER A 226 -13.98 -17.40 18.34
CA SER A 226 -14.01 -17.37 18.35
C SER A 226 -14.25 -16.11 17.56
C SER A 226 -14.24 -16.10 17.55
N GLY A 227 -14.01 -16.15 16.25
CA GLY A 227 -14.26 -15.03 15.37
C GLY A 227 -13.07 -14.13 15.17
N ALA A 228 -11.96 -14.46 15.83
CA ALA A 228 -10.74 -13.65 15.73
C ALA A 228 -10.21 -13.57 14.30
N GLU A 229 -9.75 -12.37 13.94
CA GLU A 229 -9.17 -12.10 12.65
C GLU A 229 -7.82 -12.79 12.46
N ASN A 230 -7.00 -12.75 13.51
CA ASN A 230 -5.62 -13.22 13.48
C ASN A 230 -5.45 -14.37 14.49
N ALA A 231 -5.68 -15.57 14.01
CA ALA A 231 -5.96 -16.72 14.85
C ALA A 231 -4.89 -17.80 14.92
N VAL A 232 -3.70 -17.54 14.38
CA VAL A 232 -2.67 -18.58 14.35
C VAL A 232 -2.30 -19.15 15.74
N PHE A 233 -2.19 -18.29 16.74
CA PHE A 233 -1.86 -18.78 18.09
C PHE A 233 -2.91 -19.79 18.55
N ASP A 234 -4.18 -19.48 18.29
CA ASP A 234 -5.27 -20.37 18.65
C ASP A 234 -5.32 -21.66 17.83
N LEU A 235 -5.03 -21.57 16.54
CA LEU A 235 -4.87 -22.77 15.74
C LEU A 235 -3.80 -23.67 16.33
N ALA A 236 -2.67 -23.09 16.69
CA ALA A 236 -1.54 -23.89 17.18
C ALA A 236 -1.83 -24.52 18.55
N THR A 237 -2.63 -23.85 19.37
CA THR A 237 -2.83 -24.29 20.76
C THR A 237 -4.13 -25.06 20.99
N LYS A 238 -5.18 -24.77 20.22
CA LYS A 238 -6.52 -25.33 20.50
C LYS A 238 -6.90 -26.50 19.63
N THR A 239 -6.10 -26.80 18.62
CA THR A 239 -6.39 -27.94 17.76
C THR A 239 -5.36 -29.01 17.97
N LYS A 240 -5.56 -30.16 17.32
CA LYS A 240 -4.61 -31.25 17.35
C LYS A 240 -4.52 -31.83 15.96
N GLY A 241 -3.33 -32.12 15.48
CA GLY A 241 -3.20 -32.76 14.17
C GLY A 241 -2.61 -31.94 13.05
N ILE A 242 -2.38 -30.64 13.27
CA ILE A 242 -1.71 -29.81 12.28
C ILE A 242 -0.22 -29.92 12.49
N ASP A 243 0.48 -30.25 11.42
CA ASP A 243 1.93 -30.42 11.47
C ASP A 243 2.75 -29.21 11.06
N ALA A 244 2.13 -28.28 10.32
CA ALA A 244 2.81 -27.09 9.84
C ALA A 244 1.77 -26.03 9.53
N ILE A 245 2.11 -24.78 9.81
CA ILE A 245 1.23 -23.65 9.57
C ILE A 245 1.91 -22.57 8.75
N ILE A 246 1.30 -22.22 7.63
CA ILE A 246 1.69 -21.05 6.87
C ILE A 246 0.74 -19.91 7.30
N SER A 247 1.31 -18.78 7.70
N SER A 247 1.32 -18.79 7.71
CA SER A 247 0.56 -17.66 8.19
CA SER A 247 0.54 -17.66 8.16
C SER A 247 0.81 -16.50 7.23
C SER A 247 0.80 -16.50 7.23
N GLY A 248 -0.11 -15.57 7.25
CA GLY A 248 -0.06 -14.36 6.42
C GLY A 248 -0.95 -13.27 7.01
N HIS A 249 -1.58 -12.53 6.09
CA HIS A 249 -2.57 -11.51 6.35
C HIS A 249 -1.98 -10.23 6.95
N GLN A 250 -1.17 -10.35 8.00
CA GLN A 250 -0.61 -9.19 8.71
C GLN A 250 0.53 -8.48 7.96
N HIS A 251 1.11 -9.15 6.98
CA HIS A 251 2.25 -8.59 6.24
C HIS A 251 3.48 -8.40 7.16
N GLY A 252 3.55 -9.19 8.23
CA GLY A 252 4.69 -9.19 9.16
C GLY A 252 5.68 -10.31 8.90
N LEU A 253 6.59 -10.53 9.86
CA LEU A 253 7.61 -11.56 9.74
C LEU A 253 7.43 -12.55 10.87
N PHE A 254 7.54 -13.81 10.56
CA PHE A 254 7.65 -14.84 11.59
C PHE A 254 8.44 -15.99 11.02
N PRO A 255 9.43 -16.50 11.74
CA PRO A 255 9.84 -16.06 13.08
C PRO A 255 10.47 -14.69 13.10
N SER A 256 10.44 -14.06 14.26
CA SER A 256 11.18 -12.85 14.53
C SER A 256 11.35 -12.69 16.03
N ALA A 257 12.37 -11.91 16.38
CA ALA A 257 12.82 -11.71 17.75
C ALA A 257 11.79 -11.14 18.74
N GLU A 258 10.83 -10.41 18.24
N GLU A 258 10.82 -10.40 18.25
CA GLU A 258 9.80 -9.87 19.08
CA GLU A 258 9.80 -9.86 19.11
C GLU A 258 9.08 -10.97 19.90
C GLU A 258 9.09 -10.97 19.93
N TYR A 259 9.04 -12.18 19.38
CA TYR A 259 8.28 -13.26 20.02
C TYR A 259 9.08 -14.07 21.06
N ALA A 260 10.35 -13.74 21.19
CA ALA A 260 11.21 -14.44 22.17
C ALA A 260 10.69 -14.14 23.58
N GLY A 261 10.48 -15.17 24.39
CA GLY A 261 10.01 -14.97 25.73
C GLY A 261 8.49 -15.01 25.89
N VAL A 262 7.79 -15.04 24.77
CA VAL A 262 6.33 -15.21 24.77
C VAL A 262 6.01 -16.70 24.94
N ALA A 263 5.18 -17.02 25.91
CA ALA A 263 4.83 -18.41 26.17
C ALA A 263 4.34 -19.10 24.90
N GLN A 264 4.84 -20.30 24.67
CA GLN A 264 4.45 -21.15 23.54
C GLN A 264 5.31 -20.92 22.29
N PHE A 265 6.03 -19.81 22.25
CA PHE A 265 6.85 -19.47 21.10
C PHE A 265 8.30 -19.96 21.27
N ASN A 266 8.88 -20.47 20.19
CA ASN A 266 10.30 -20.76 20.11
C ASN A 266 10.83 -20.12 18.81
N VAL A 267 11.51 -18.98 18.97
CA VAL A 267 12.04 -18.21 17.86
C VAL A 267 13.13 -18.93 17.11
N GLU A 268 14.03 -19.57 17.84
N GLU A 268 14.03 -19.57 17.84
CA GLU A 268 15.13 -20.28 17.22
CA GLU A 268 15.12 -20.28 17.21
C GLU A 268 14.58 -21.37 16.30
C GLU A 268 14.57 -21.36 16.29
N LYS A 269 13.57 -22.11 16.75
CA LYS A 269 13.01 -23.18 15.91
C LYS A 269 11.90 -22.72 14.99
N GLY A 270 11.39 -21.51 15.20
CA GLY A 270 10.23 -21.02 14.45
C GLY A 270 9.00 -21.80 14.70
N THR A 271 8.65 -22.04 15.94
CA THR A 271 7.44 -22.81 16.30
C THR A 271 6.49 -22.12 17.26
N ILE A 272 5.24 -22.51 17.21
CA ILE A 272 4.26 -22.06 18.20
C ILE A 272 3.60 -23.35 18.69
N ASN A 273 3.68 -23.57 20.00
CA ASN A 273 3.23 -24.81 20.61
C ASN A 273 3.84 -26.03 19.92
N GLY A 274 5.09 -25.91 19.51
CA GLY A 274 5.82 -27.02 18.93
C GLY A 274 5.57 -27.25 17.46
N ILE A 275 4.72 -26.43 16.85
CA ILE A 275 4.39 -26.56 15.43
C ILE A 275 5.12 -25.49 14.65
N PRO A 276 5.81 -25.84 13.56
CA PRO A 276 6.49 -24.80 12.78
C PRO A 276 5.48 -23.88 12.09
N VAL A 277 5.79 -22.60 12.13
CA VAL A 277 4.96 -21.55 11.55
C VAL A 277 5.87 -20.58 10.82
N VAL A 278 5.44 -20.17 9.63
CA VAL A 278 6.17 -19.13 8.91
C VAL A 278 5.21 -18.07 8.39
N PRO A 280 5.95 -15.13 5.68
CA PRO A 280 6.96 -14.51 4.82
C PRO A 280 6.55 -13.17 4.22
N SER A 281 6.30 -12.20 5.10
CA SER A 281 6.14 -10.80 4.72
C SER A 281 4.97 -10.64 3.73
N SER A 282 5.17 -9.83 2.70
CA SER A 282 4.17 -9.61 1.66
C SER A 282 4.88 -9.32 0.35
N TRP A 283 4.14 -9.44 -0.74
CA TRP A 283 4.58 -9.08 -2.10
C TRP A 283 5.78 -9.88 -2.62
N GLY A 284 6.03 -11.03 -2.01
CA GLY A 284 7.14 -11.87 -2.40
C GLY A 284 8.48 -11.44 -1.83
N LYS A 285 8.48 -10.59 -0.81
CA LYS A 285 9.74 -10.10 -0.21
C LYS A 285 10.55 -11.17 0.56
N TYR A 286 9.87 -12.23 0.97
CA TYR A 286 10.47 -13.35 1.66
C TYR A 286 9.81 -14.63 1.15
N LEU A 287 10.53 -15.74 1.26
CA LEU A 287 9.98 -17.08 1.07
C LEU A 287 9.94 -17.76 2.44
N GLY A 288 8.84 -18.42 2.75
CA GLY A 288 8.74 -19.23 3.96
C GLY A 288 9.29 -20.61 3.70
N VAL A 289 9.95 -21.17 4.70
CA VAL A 289 10.58 -22.48 4.58
C VAL A 289 10.34 -23.26 5.86
N ILE A 290 9.61 -24.36 5.75
CA ILE A 290 9.43 -25.27 6.88
C ILE A 290 10.09 -26.62 6.58
N ASP A 291 10.92 -27.07 7.50
CA ASP A 291 11.56 -28.38 7.40
C ASP A 291 10.91 -29.30 8.43
N LEU A 292 10.47 -30.45 7.96
CA LEU A 292 9.95 -31.51 8.81
C LEU A 292 10.85 -32.74 8.72
N LYS A 293 11.14 -33.30 9.91
N LYS A 293 11.17 -33.34 9.90
CA LYS A 293 11.81 -34.67 9.91
CA LYS A 293 11.80 -34.65 9.90
C LYS A 293 10.74 -35.63 10.40
C LYS A 293 10.73 -35.60 10.38
N LEU A 294 10.29 -36.41 9.53
CA LEU A 294 9.24 -37.41 9.70
C LEU A 294 9.82 -38.77 10.02
N GLU A 295 9.17 -39.49 10.93
N GLU A 295 9.20 -39.50 10.94
CA GLU A 295 9.60 -40.82 11.32
CA GLU A 295 9.70 -40.81 11.31
C GLU A 295 8.44 -41.78 11.32
C GLU A 295 8.52 -41.77 11.46
N LYS A 296 8.63 -42.96 10.86
CA LYS A 296 7.49 -43.84 10.91
C LYS A 296 7.64 -44.89 12.01
N ALA A 297 6.65 -45.01 12.90
CA ALA A 297 6.58 -46.04 13.94
C ALA A 297 5.21 -46.70 13.91
N ASP A 298 5.19 -48.01 13.69
CA ASP A 298 3.92 -48.70 13.80
C ASP A 298 2.87 -48.23 12.81
N GLY A 299 3.26 -48.05 11.56
CA GLY A 299 2.33 -47.61 10.54
C GLY A 299 1.85 -46.17 10.64
N SER A 300 2.30 -45.41 11.64
CA SER A 300 1.94 -43.98 11.73
C SER A 300 3.14 -43.03 11.72
N TRP A 301 3.01 -41.94 10.97
CA TRP A 301 4.03 -40.92 10.89
C TRP A 301 3.87 -39.85 11.95
N LYS A 302 5.00 -39.37 12.43
CA LYS A 302 5.02 -38.24 13.35
C LYS A 302 6.17 -37.33 12.92
N VAL A 303 6.11 -36.10 13.38
CA VAL A 303 7.16 -35.15 13.17
C VAL A 303 8.14 -35.22 14.34
N ALA A 304 9.30 -35.75 14.02
CA ALA A 304 10.37 -35.97 15.01
C ALA A 304 11.07 -34.63 15.30
N ASP A 305 11.21 -33.77 14.31
CA ASP A 305 11.87 -32.46 14.51
C ASP A 305 11.33 -31.53 13.44
N SER A 306 11.42 -30.22 13.68
CA SER A 306 10.82 -29.24 12.71
C SER A 306 11.54 -27.96 12.83
N LYS A 307 11.44 -27.11 11.83
CA LYS A 307 11.97 -25.75 11.90
C LYS A 307 11.15 -24.87 10.95
N GLY A 308 10.82 -23.63 11.36
CA GLY A 308 10.27 -22.61 10.47
C GLY A 308 11.27 -21.49 10.31
N SER A 309 11.50 -21.06 9.09
CA SER A 309 12.40 -19.95 8.82
C SER A 309 11.91 -19.15 7.64
N ILE A 310 12.37 -17.94 7.49
CA ILE A 310 12.02 -17.17 6.32
C ILE A 310 13.31 -16.65 5.73
N GLU A 311 13.34 -16.45 4.42
CA GLU A 311 14.54 -15.98 3.74
C GLU A 311 14.15 -14.80 2.87
N SER A 312 14.90 -13.73 2.97
CA SER A 312 14.66 -12.54 2.15
C SER A 312 15.16 -12.67 0.73
N ILE A 313 14.49 -12.02 -0.22
CA ILE A 313 15.03 -11.92 -1.56
C ILE A 313 16.19 -10.93 -1.57
N ALA A 314 16.14 -9.97 -0.66
CA ALA A 314 17.26 -9.03 -0.48
C ALA A 314 18.52 -9.78 -0.09
N GLY A 315 19.55 -9.57 -0.87
CA GLY A 315 20.84 -10.19 -0.60
C GLY A 315 21.03 -11.61 -1.09
N ASN A 316 19.94 -12.24 -1.49
CA ASN A 316 19.97 -13.61 -1.95
C ASN A 316 19.58 -13.75 -3.41
N VAL A 317 18.92 -12.73 -3.94
CA VAL A 317 18.41 -12.73 -5.31
C VAL A 317 18.79 -11.43 -6.00
N THR A 318 19.30 -11.53 -7.22
CA THR A 318 19.69 -10.32 -7.94
C THR A 318 19.06 -10.19 -9.33
N SER A 319 18.27 -11.17 -9.75
CA SER A 319 17.63 -11.13 -11.06
C SER A 319 16.25 -11.78 -11.10
N ARG A 320 15.56 -11.62 -12.22
CA ARG A 320 14.24 -12.20 -12.42
C ARG A 320 14.33 -13.63 -12.91
N ASN A 321 13.44 -14.44 -12.39
CA ASN A 321 13.26 -15.84 -12.77
C ASN A 321 12.63 -15.90 -14.16
N GLU A 322 13.23 -16.64 -15.07
N GLU A 322 13.26 -16.60 -15.00
CA GLU A 322 12.74 -16.71 -16.45
CA GLU A 322 12.77 -16.71 -16.36
C GLU A 322 11.35 -17.35 -16.59
C GLU A 322 11.36 -17.30 -16.47
N THR A 323 11.01 -18.30 -15.74
CA THR A 323 9.75 -18.98 -15.93
C THR A 323 8.62 -17.98 -15.63
N VAL A 324 8.82 -17.16 -14.59
CA VAL A 324 7.85 -16.13 -14.27
C VAL A 324 7.74 -15.11 -15.38
N THR A 325 8.88 -14.56 -15.79
CA THR A 325 8.89 -13.53 -16.82
C THR A 325 8.26 -14.01 -18.11
N ASN A 326 8.66 -15.18 -18.57
CA ASN A 326 8.14 -15.70 -19.83
C ASN A 326 6.64 -15.93 -19.77
N THR A 327 6.17 -16.43 -18.64
CA THR A 327 4.76 -16.76 -18.50
C THR A 327 3.88 -15.52 -18.45
N ILE A 328 4.31 -14.52 -17.70
CA ILE A 328 3.49 -13.32 -17.47
C ILE A 328 3.73 -12.16 -18.44
N GLN A 329 4.78 -12.23 -19.24
CA GLN A 329 5.21 -11.10 -20.06
C GLN A 329 4.10 -10.40 -20.84
N GLN A 330 3.31 -11.17 -21.59
CA GLN A 330 2.27 -10.58 -22.43
C GLN A 330 1.25 -9.84 -21.57
N THR A 331 0.85 -10.47 -20.48
CA THR A 331 -0.10 -9.84 -19.55
C THR A 331 0.48 -8.57 -18.94
N HIS A 332 1.73 -8.65 -18.55
CA HIS A 332 2.44 -7.50 -18.01
C HIS A 332 2.48 -6.35 -19.01
N GLN A 333 2.79 -6.65 -20.26
CA GLN A 333 2.81 -5.62 -21.32
C GLN A 333 1.42 -5.05 -21.58
N ASN A 334 0.40 -5.90 -21.52
CA ASN A 334 -0.97 -5.45 -21.65
C ASN A 334 -1.37 -4.55 -20.48
N THR A 335 -0.86 -4.88 -19.30
CA THR A 335 -1.11 -4.07 -18.12
C THR A 335 -0.46 -2.69 -18.22
N LEU A 336 0.78 -2.65 -18.72
CA LEU A 336 1.42 -1.37 -18.95
C LEU A 336 0.56 -0.50 -19.87
N GLU A 337 0.02 -1.06 -20.93
CA GLU A 337 -0.81 -0.30 -21.86
C GLU A 337 -2.05 0.20 -21.13
N TYR A 338 -2.63 -0.68 -20.33
CA TYR A 338 -3.83 -0.37 -19.56
C TYR A 338 -3.59 0.79 -18.59
N VAL A 339 -2.46 0.78 -17.92
CA VAL A 339 -2.13 1.80 -16.93
C VAL A 339 -1.79 3.15 -17.55
N ARG A 340 -1.19 3.11 -18.72
CA ARG A 340 -0.72 4.31 -19.39
C ARG A 340 -1.87 5.02 -20.11
N LYS A 341 -2.91 4.28 -20.45
CA LYS A 341 -4.00 4.82 -21.21
C LYS A 341 -3.45 5.79 -22.26
N PRO B 8 13.08 43.16 -14.25
CA PRO B 8 13.80 42.42 -13.23
C PRO B 8 12.93 41.24 -12.76
N GLN B 9 13.48 40.02 -12.79
CA GLN B 9 12.61 38.95 -12.45
C GLN B 9 12.73 38.56 -10.96
N VAL B 10 11.72 37.85 -10.47
CA VAL B 10 11.80 37.15 -9.19
C VAL B 10 11.78 35.66 -9.45
N HIS B 11 12.79 34.93 -8.97
CA HIS B 11 12.78 33.47 -9.07
C HIS B 11 12.18 32.90 -7.78
N LEU B 12 10.99 32.34 -7.91
CA LEU B 12 10.27 31.72 -6.81
C LEU B 12 10.27 30.21 -6.98
N SER B 13 10.63 29.45 -5.93
N SER B 13 10.59 29.45 -5.96
CA SER B 13 10.62 27.98 -5.99
CA SER B 13 10.63 27.99 -6.03
C SER B 13 9.57 27.41 -5.03
C SER B 13 9.58 27.43 -5.07
N ILE B 14 8.88 26.50 -5.52
CA ILE B 14 7.89 25.82 -4.69
C ILE B 14 8.27 24.35 -4.56
N LEU B 15 8.46 23.90 -3.32
CA LEU B 15 8.77 22.49 -3.03
C LEU B 15 7.52 21.83 -2.51
N ALA B 16 7.27 20.58 -2.92
CA ALA B 16 5.99 19.93 -2.60
C ALA B 16 6.11 18.44 -2.26
N THR B 17 5.38 18.03 -1.21
CA THR B 17 5.25 16.63 -0.92
C THR B 17 3.79 16.25 -1.17
N THR B 18 3.58 14.96 -1.39
CA THR B 18 2.23 14.42 -1.53
C THR B 18 2.16 12.96 -1.10
N ASP B 19 0.99 12.56 -0.63
CA ASP B 19 0.71 11.17 -0.32
C ASP B 19 1.79 10.53 0.57
N ILE B 20 2.19 11.28 1.58
N ILE B 20 2.23 11.28 1.57
CA ILE B 20 3.18 10.78 2.58
CA ILE B 20 3.22 10.82 2.54
C ILE B 20 2.71 9.61 3.35
C ILE B 20 2.72 9.62 3.37
N HIS B 21 1.44 9.64 3.69
CA HIS B 21 0.70 8.54 4.31
C HIS B 21 1.38 8.14 5.64
N ALA B 22 1.72 9.16 6.42
CA ALA B 22 2.23 9.00 7.80
C ALA B 22 3.61 8.35 7.89
N ASN B 23 4.29 8.28 6.75
CA ASN B 23 5.65 7.72 6.77
C ASN B 23 6.68 8.81 7.09
N ASP B 26 12.01 6.53 7.77
CA ASP B 26 12.27 5.57 6.71
C ASP B 26 12.18 4.15 7.31
N TYR B 27 10.95 3.75 7.62
CA TYR B 27 10.68 2.59 8.44
C TYR B 27 9.41 1.89 8.01
N ASP B 28 9.47 0.56 7.92
CA ASP B 28 8.36 -0.31 7.63
C ASP B 28 7.89 -0.93 8.95
N TYR B 29 6.75 -0.49 9.49
CA TYR B 29 6.27 -0.97 10.76
C TYR B 29 5.74 -2.40 10.66
N TYR B 30 5.39 -2.83 9.46
CA TYR B 30 4.85 -4.18 9.25
C TYR B 30 5.95 -5.23 9.32
N SER B 31 7.06 -5.09 8.63
N SER B 31 7.06 -5.10 8.64
CA SER B 31 8.19 -5.99 8.77
CA SER B 31 8.14 -6.03 8.80
C SER B 31 8.97 -5.62 10.00
C SER B 31 8.97 -5.63 10.01
N ASP B 32 8.76 -4.48 10.62
CA ASP B 32 9.46 -3.92 11.76
C ASP B 32 10.93 -3.75 11.42
N LYS B 33 11.21 -3.04 10.33
CA LYS B 33 12.56 -2.86 9.82
C LYS B 33 12.70 -1.49 9.16
N GLU B 34 13.90 -0.94 9.25
CA GLU B 34 14.34 0.19 8.48
C GLU B 34 14.30 -0.06 6.97
N THR B 35 13.96 0.97 6.22
CA THR B 35 14.07 0.94 4.76
C THR B 35 14.82 2.18 4.21
N ALA B 36 15.42 2.07 3.04
CA ALA B 36 16.07 3.23 2.43
C ALA B 36 15.18 3.88 1.38
N ASP B 37 14.03 3.29 1.16
CA ASP B 37 13.26 3.59 -0.03
C ASP B 37 12.21 4.70 0.07
N PHE B 38 11.87 5.10 1.29
CA PHE B 38 10.83 6.11 1.49
C PHE B 38 10.94 6.79 2.83
N GLY B 39 10.08 7.78 3.09
CA GLY B 39 9.96 8.43 4.37
C GLY B 39 10.34 9.89 4.36
N LEU B 40 9.55 10.71 5.04
CA LEU B 40 9.79 12.14 5.09
C LEU B 40 11.17 12.50 5.66
N ALA B 41 11.72 11.64 6.50
CA ALA B 41 13.08 11.88 7.09
C ALA B 41 14.11 11.90 5.95
N ARG B 42 13.86 11.20 4.86
CA ARG B 42 14.74 11.25 3.69
C ARG B 42 14.37 12.40 2.75
N THR B 43 13.09 12.61 2.50
CA THR B 43 12.68 13.67 1.61
C THR B 43 13.08 15.06 2.14
N ALA B 44 13.15 15.20 3.48
CA ALA B 44 13.54 16.44 4.09
C ALA B 44 15.01 16.89 3.76
N GLN B 45 15.81 15.88 3.39
CA GLN B 45 17.17 16.12 2.95
C GLN B 45 17.14 16.82 1.61
N LEU B 46 16.22 16.42 0.72
CA LEU B 46 16.03 17.16 -0.54
C LEU B 46 15.47 18.56 -0.31
N ILE B 47 14.55 18.68 0.64
CA ILE B 47 13.97 19.98 0.97
C ILE B 47 15.09 20.94 1.41
N GLN B 48 15.96 20.50 2.32
N GLN B 48 15.94 20.47 2.29
CA GLN B 48 17.10 21.35 2.71
CA GLN B 48 17.09 21.27 2.74
C GLN B 48 18.04 21.73 1.55
C GLN B 48 18.00 21.71 1.59
N LYS B 49 18.30 20.80 0.78
CA LYS B 49 19.17 21.10 -0.35
C LYS B 49 18.57 22.18 -1.27
N HIS B 50 17.29 22.04 -1.61
CA HIS B 50 16.64 23.02 -2.46
C HIS B 50 16.52 24.38 -1.79
N ARG B 51 16.23 24.41 -0.49
CA ARG B 51 16.19 25.67 0.23
C ARG B 51 17.53 26.41 0.16
N GLU B 52 18.63 25.66 0.17
CA GLU B 52 19.96 26.26 0.09
C GLU B 52 20.22 26.93 -1.25
N GLN B 53 19.48 26.52 -2.26
CA GLN B 53 19.65 27.02 -3.61
C GLN B 53 18.85 28.28 -3.92
N ASN B 54 17.82 28.58 -3.17
CA ASN B 54 17.03 29.75 -3.46
C ASN B 54 16.36 30.27 -2.20
N PRO B 55 16.70 31.48 -1.77
CA PRO B 55 16.02 32.06 -0.60
C PRO B 55 14.50 32.18 -0.79
N ASN B 56 14.05 32.40 -2.02
CA ASN B 56 12.61 32.51 -2.29
C ASN B 56 12.01 31.13 -2.47
N THR B 57 11.89 30.38 -1.39
CA THR B 57 11.39 29.01 -1.47
C THR B 57 10.20 28.78 -0.55
N LEU B 58 9.14 28.23 -1.13
CA LEU B 58 7.97 27.83 -0.39
C LEU B 58 7.92 26.31 -0.32
N LEU B 59 7.29 25.80 0.73
CA LEU B 59 7.16 24.36 0.96
C LEU B 59 5.70 23.99 1.28
N VAL B 60 5.15 23.08 0.48
CA VAL B 60 3.74 22.73 0.62
C VAL B 60 3.55 21.23 0.62
N ASP B 61 2.48 20.83 1.32
CA ASP B 61 2.04 19.41 1.28
C ASP B 61 0.69 19.23 0.61
N ASN B 62 0.54 18.17 -0.16
CA ASN B 62 -0.65 17.98 -0.95
C ASN B 62 -1.70 17.00 -0.42
N GLY B 63 -1.60 16.63 0.85
CA GLY B 63 -2.59 15.75 1.47
C GLY B 63 -2.26 14.26 1.38
N ASP B 64 -3.19 13.46 1.90
CA ASP B 64 -2.96 12.03 2.20
C ASP B 64 -1.69 11.92 3.07
N LEU B 65 -1.72 12.69 4.14
CA LEU B 65 -0.59 12.92 5.04
C LEU B 65 -0.66 12.17 6.37
N ILE B 66 -1.81 12.20 7.04
CA ILE B 66 -1.92 11.78 8.43
C ILE B 66 -2.35 10.34 8.64
N GLN B 67 -2.63 9.62 7.56
CA GLN B 67 -3.18 8.28 7.65
C GLN B 67 -2.44 7.36 6.70
N GLY B 68 -2.29 6.11 7.10
CA GLY B 68 -1.81 5.08 6.21
C GLY B 68 -0.98 3.97 6.83
N ASN B 69 -0.35 4.26 7.96
CA ASN B 69 0.50 3.26 8.62
C ASN B 69 0.22 3.25 10.13
N PRO B 70 0.92 2.40 10.88
CA PRO B 70 0.66 2.34 12.32
C PRO B 70 0.97 3.61 13.11
N LEU B 71 1.82 4.49 12.61
CA LEU B 71 2.07 5.76 13.29
C LEU B 71 0.81 6.63 13.26
N GLY B 72 0.14 6.66 12.12
CA GLY B 72 -1.12 7.36 12.01
C GLY B 72 -2.18 6.77 12.94
N GLU B 73 -2.17 5.44 13.07
CA GLU B 73 -3.09 4.70 13.92
C GLU B 73 -2.78 5.03 15.37
N TYR B 74 -1.51 5.05 15.70
CA TYR B 74 -1.12 5.38 17.06
C TYR B 74 -1.68 6.76 17.47
N ALA B 75 -1.55 7.74 16.59
CA ALA B 75 -1.99 9.08 16.93
C ALA B 75 -3.47 9.13 17.23
N VAL B 76 -4.29 8.52 16.37
CA VAL B 76 -5.74 8.56 16.58
C VAL B 76 -6.17 7.73 17.79
N LYS B 77 -5.51 6.60 18.03
CA LYS B 77 -5.89 5.76 19.16
C LYS B 77 -5.44 6.35 20.49
N TYR B 78 -4.21 6.82 20.59
CA TYR B 78 -3.65 7.27 21.86
C TYR B 78 -3.80 8.75 22.18
N GLN B 79 -4.03 9.58 21.17
CA GLN B 79 -4.05 11.03 21.33
C GLN B 79 -5.28 11.75 20.77
N LYS B 80 -6.32 10.99 20.43
CA LYS B 80 -7.51 11.56 19.84
C LYS B 80 -8.08 12.74 20.64
N ASP B 81 -8.31 12.53 21.93
CA ASP B 81 -8.97 13.55 22.73
C ASP B 81 -8.17 14.83 22.83
N ASP B 82 -6.87 14.72 23.08
CA ASP B 82 -6.01 15.88 23.19
C ASP B 82 -5.76 16.58 21.84
N ILE B 83 -5.77 15.82 20.75
CA ILE B 83 -5.63 16.40 19.42
C ILE B 83 -6.91 17.16 19.09
N ILE B 84 -8.06 16.56 19.39
CA ILE B 84 -9.35 17.19 19.12
C ILE B 84 -9.52 18.54 19.82
N SER B 85 -9.08 18.60 21.06
CA SER B 85 -9.22 19.80 21.87
C SER B 85 -8.14 20.83 21.56
N GLY B 86 -7.11 20.43 20.82
CA GLY B 86 -5.98 21.28 20.60
C GLY B 86 -4.97 21.28 21.71
N THR B 87 -5.12 20.45 22.73
CA THR B 87 -4.17 20.31 23.83
C THR B 87 -2.79 19.79 23.37
N LYS B 88 -2.83 18.77 22.50
CA LYS B 88 -1.63 18.16 21.93
C LYS B 88 -1.67 18.39 20.44
N THR B 89 -0.53 18.67 19.86
CA THR B 89 -0.40 18.77 18.41
C THR B 89 -0.28 17.36 17.83
N HIS B 90 -0.97 17.09 16.73
CA HIS B 90 -0.81 15.80 16.07
C HIS B 90 0.69 15.63 15.77
N PRO B 91 1.28 14.49 16.13
CA PRO B 91 2.73 14.29 15.94
C PRO B 91 3.19 14.48 14.49
N ILE B 92 2.37 14.13 13.51
CA ILE B 92 2.75 14.37 12.12
C ILE B 92 2.80 15.87 11.83
N ILE B 93 1.79 16.58 12.31
CA ILE B 93 1.77 18.05 12.19
C ILE B 93 2.99 18.69 12.89
N SER B 94 3.43 18.14 14.01
CA SER B 94 4.65 18.66 14.67
C SER B 94 5.86 18.59 13.74
N VAL B 95 5.97 17.51 12.96
CA VAL B 95 7.07 17.37 11.99
C VAL B 95 6.94 18.44 10.94
N ASN B 97 5.48 21.31 11.11
CA ASN B 97 5.78 22.55 11.80
C ASN B 97 7.28 22.70 11.95
N ALA B 98 8.00 21.67 12.30
CA ALA B 98 9.47 21.71 12.42
C ALA B 98 10.16 22.01 11.11
N LEU B 99 9.57 21.52 10.02
CA LEU B 99 10.05 21.76 8.68
C LEU B 99 9.58 23.08 8.08
N LYS B 100 8.79 23.80 8.81
CA LYS B 100 8.36 25.11 8.38
C LYS B 100 7.63 25.06 7.01
N TYR B 101 6.70 24.15 6.92
CA TYR B 101 5.76 24.10 5.79
C TYR B 101 4.98 25.45 5.75
N ASP B 102 4.69 25.91 4.53
CA ASP B 102 3.91 27.15 4.34
C ASP B 102 2.43 26.92 4.15
N ALA B 103 2.05 25.73 3.68
CA ALA B 103 0.62 25.37 3.42
C ALA B 103 0.47 23.89 3.27
N GLY B 104 -0.72 23.40 3.55
CA GLY B 104 -1.10 22.02 3.29
C GLY B 104 -2.54 21.99 2.82
N THR B 105 -3.00 20.79 2.56
CA THR B 105 -4.37 20.58 2.10
C THR B 105 -4.84 19.20 2.53
N LEU B 106 -6.10 18.91 2.19
CA LEU B 106 -6.75 17.65 2.53
C LEU B 106 -6.76 16.66 1.37
N GLY B 107 -6.26 15.47 1.63
CA GLY B 107 -6.44 14.32 0.75
C GLY B 107 -7.64 13.53 1.23
N ASN B 108 -8.07 12.54 0.45
CA ASN B 108 -9.21 11.75 0.88
C ASN B 108 -8.99 11.05 2.21
N HIS B 109 -7.78 10.57 2.45
CA HIS B 109 -7.49 9.82 3.68
C HIS B 109 -7.48 10.66 4.96
N GLU B 110 -7.46 11.98 4.83
CA GLU B 110 -7.58 12.86 5.99
C GLU B 110 -8.94 12.71 6.69
N PHE B 111 -9.92 12.16 5.97
CA PHE B 111 -11.29 12.02 6.49
C PHE B 111 -11.58 10.69 7.15
N ASN B 112 -10.64 9.77 7.07
CA ASN B 112 -10.83 8.38 7.54
C ASN B 112 -11.12 8.25 9.03
N TYR B 113 -10.66 9.21 9.82
CA TYR B 113 -10.81 9.13 11.27
C TYR B 113 -11.90 10.06 11.80
N GLY B 114 -12.68 10.62 10.87
CA GLY B 114 -13.82 11.45 11.22
C GLY B 114 -13.53 12.94 11.20
N LEU B 115 -14.58 13.73 11.13
CA LEU B 115 -14.46 15.17 10.99
C LEU B 115 -13.86 15.84 12.23
N ASP B 116 -14.20 15.37 13.42
CA ASP B 116 -13.70 16.01 14.63
C ASP B 116 -12.18 15.87 14.76
N PHE B 117 -11.66 14.68 14.51
CA PHE B 117 -10.23 14.44 14.60
C PHE B 117 -9.47 15.25 13.56
N LEU B 118 -10.05 15.40 12.38
CA LEU B 118 -9.44 16.20 11.33
C LEU B 118 -9.38 17.68 11.74
N ASP B 119 -10.48 18.20 12.28
CA ASP B 119 -10.49 19.59 12.76
C ASP B 119 -9.41 19.77 13.81
N GLY B 120 -9.30 18.80 14.68
CA GLY B 120 -8.33 18.88 15.78
C GLY B 120 -6.89 18.84 15.29
N THR B 121 -6.66 17.98 14.29
CA THR B 121 -5.36 17.87 13.60
C THR B 121 -4.96 19.21 12.99
N ILE B 122 -5.92 19.89 12.31
CA ILE B 122 -5.67 21.14 11.67
C ILE B 122 -5.31 22.20 12.70
N LYS B 123 -5.92 22.16 13.88
CA LYS B 123 -5.75 23.24 14.92
C LYS B 123 -4.31 23.43 15.31
N GLY B 124 -3.52 22.35 15.25
CA GLY B 124 -2.13 22.37 15.66
C GLY B 124 -1.12 22.80 14.60
N ALA B 125 -1.56 22.98 13.36
CA ALA B 125 -0.63 23.39 12.30
C ALA B 125 -0.31 24.88 12.41
N ASP B 126 0.97 25.22 12.25
CA ASP B 126 1.41 26.61 12.27
C ASP B 126 1.06 27.28 10.96
N PHE B 127 0.81 26.46 9.96
CA PHE B 127 0.58 26.92 8.59
C PHE B 127 -0.87 26.64 8.22
N PRO B 128 -1.37 27.35 7.23
CA PRO B 128 -2.76 27.13 6.78
C PRO B 128 -2.93 25.80 6.05
N ILE B 129 -4.02 25.12 6.36
CA ILE B 129 -4.45 23.92 5.65
C ILE B 129 -5.75 24.30 4.96
N VAL B 130 -5.73 24.31 3.64
CA VAL B 130 -6.82 24.87 2.87
C VAL B 130 -7.59 23.80 2.10
N ASN B 131 -8.87 24.05 1.90
CA ASN B 131 -9.71 23.24 1.03
C ASN B 131 -10.93 24.05 0.65
N ALA B 132 -11.18 24.11 -0.65
CA ALA B 132 -12.26 24.95 -1.16
C ALA B 132 -13.51 24.25 -1.54
N ASN B 133 -13.46 22.95 -1.77
CA ASN B 133 -14.63 22.24 -2.33
C ASN B 133 -15.52 21.47 -1.37
N VAL B 134 -15.06 21.16 -0.17
CA VAL B 134 -15.91 20.54 0.83
C VAL B 134 -16.76 21.54 1.54
N LYS B 135 -18.06 21.32 1.56
CA LYS B 135 -18.97 22.30 2.11
C LYS B 135 -19.88 21.69 3.16
N THR B 136 -20.43 22.54 4.02
CA THR B 136 -21.49 22.11 4.93
C THR B 136 -22.73 21.76 4.09
N THR B 137 -23.69 21.09 4.72
CA THR B 137 -24.91 20.73 4.00
C THR B 137 -25.71 21.97 3.53
N SER B 138 -25.48 23.12 4.12
N SER B 138 -25.47 23.13 4.12
CA SER B 138 -26.10 24.35 3.70
CA SER B 138 -26.04 24.40 3.67
C SER B 138 -25.27 25.13 2.70
C SER B 138 -25.27 25.13 2.66
N GLY B 139 -24.04 24.66 2.39
CA GLY B 139 -23.29 25.29 1.34
C GLY B 139 -22.13 26.18 1.77
N GLU B 140 -21.83 26.24 3.05
CA GLU B 140 -20.70 27.05 3.50
C GLU B 140 -19.38 26.26 3.35
N ASN B 141 -18.28 26.96 3.15
CA ASN B 141 -17.00 26.26 3.14
C ASN B 141 -16.78 25.59 4.48
N ARG B 142 -16.46 24.30 4.45
CA ARG B 142 -16.26 23.53 5.66
C ARG B 142 -14.86 23.76 6.26
N TYR B 143 -13.94 24.25 5.42
CA TYR B 143 -12.55 24.54 5.77
C TYR B 143 -12.16 25.91 5.22
N THR B 144 -11.07 26.45 5.73
CA THR B 144 -10.47 27.64 5.15
C THR B 144 -10.31 27.41 3.63
N PRO B 145 -11.00 28.17 2.79
CA PRO B 145 -11.01 27.82 1.36
C PRO B 145 -9.70 28.15 0.64
N TYR B 146 -9.04 29.20 1.10
CA TYR B 146 -7.77 29.66 0.53
C TYR B 146 -7.12 30.57 1.55
N VAL B 147 -5.85 30.88 1.37
N VAL B 147 -5.85 30.89 1.36
CA VAL B 147 -5.21 31.91 2.14
CA VAL B 147 -5.18 31.89 2.16
C VAL B 147 -4.30 32.65 1.19
C VAL B 147 -4.27 32.64 1.20
N ILE B 148 -4.08 33.92 1.51
CA ILE B 148 -3.12 34.76 0.79
C ILE B 148 -2.12 35.36 1.77
N ASN B 149 -0.83 35.18 1.49
CA ASN B 149 0.25 35.70 2.31
C ASN B 149 1.09 36.66 1.50
N GLU B 150 1.32 37.85 2.04
CA GLU B 150 2.21 38.80 1.39
C GLU B 150 3.65 38.43 1.74
N LYS B 151 4.40 38.06 0.72
CA LYS B 151 5.77 37.62 0.86
C LYS B 151 6.72 38.69 0.39
N THR B 152 7.80 38.89 1.15
CA THR B 152 8.88 39.76 0.71
C THR B 152 9.94 38.92 0.02
N LEU B 153 9.91 38.93 -1.30
CA LEU B 153 10.82 38.14 -2.11
C LEU B 153 11.97 39.02 -2.61
N ILE B 154 13.07 38.37 -2.94
CA ILE B 154 14.24 39.10 -3.43
C ILE B 154 14.38 38.86 -4.93
N ASP B 155 14.42 39.93 -5.71
CA ASP B 155 14.53 39.79 -7.15
C ASP B 155 15.98 39.57 -7.61
N GLU B 156 16.22 39.46 -8.97
N GLU B 156 16.18 39.47 -8.92
CA GLU B 156 17.52 39.13 -9.48
CA GLU B 156 17.50 39.13 -9.44
C GLU B 156 18.49 40.30 -9.33
C GLU B 156 18.49 40.30 -9.33
N ASN B 157 17.95 41.49 -9.06
CA ASN B 157 18.80 42.66 -8.67
C ASN B 157 19.04 42.78 -7.19
N GLY B 158 18.58 41.82 -6.35
CA GLY B 158 18.70 41.87 -4.88
C GLY B 158 17.66 42.68 -4.22
N ASN B 159 16.74 43.30 -4.98
CA ASN B 159 15.74 44.20 -4.37
C ASN B 159 14.47 43.52 -3.86
N GLU B 160 13.85 44.13 -2.87
CA GLU B 160 12.66 43.54 -2.27
C GLU B 160 11.47 43.74 -3.18
N GLN B 161 10.67 42.69 -3.32
CA GLN B 161 9.41 42.77 -4.04
C GLN B 161 8.31 42.12 -3.22
N LYS B 162 7.26 42.87 -2.84
N LYS B 162 7.28 42.85 -2.83
CA LYS B 162 6.18 42.26 -2.09
CA LYS B 162 6.20 42.24 -2.09
C LYS B 162 5.27 41.55 -3.08
C LYS B 162 5.29 41.55 -3.09
N VAL B 163 5.07 40.32 -2.93
CA VAL B 163 4.29 39.41 -3.77
C VAL B 163 3.27 38.63 -2.93
N LYS B 164 2.00 38.75 -3.27
CA LYS B 164 0.95 38.08 -2.52
C LYS B 164 0.74 36.71 -3.13
N VAL B 165 1.06 35.71 -2.33
CA VAL B 165 0.92 34.31 -2.73
C VAL B 165 -0.33 33.70 -2.09
N GLY B 166 -1.15 33.14 -2.94
CA GLY B 166 -2.34 32.42 -2.52
C GLY B 166 -2.26 30.93 -2.68
N TYR B 167 -2.85 30.19 -1.76
CA TYR B 167 -3.00 28.74 -1.82
C TYR B 167 -4.45 28.38 -1.80
N ILE B 168 -4.82 27.43 -2.65
CA ILE B 168 -6.17 26.88 -2.68
C ILE B 168 -6.03 25.38 -2.77
N GLY B 169 -6.94 24.65 -2.14
CA GLY B 169 -6.86 23.19 -2.14
C GLY B 169 -8.14 22.51 -2.58
N PHE B 170 -7.98 21.31 -3.11
CA PHE B 170 -9.09 20.48 -3.61
C PHE B 170 -8.92 19.01 -3.25
N VAL B 171 -10.03 18.36 -2.98
CA VAL B 171 -10.07 16.92 -2.70
C VAL B 171 -11.10 16.25 -3.63
N PRO B 172 -10.95 14.97 -3.91
CA PRO B 172 -11.93 14.34 -4.81
C PRO B 172 -13.31 14.21 -4.17
N PRO B 173 -14.36 14.44 -4.97
CA PRO B 173 -15.74 14.33 -4.45
C PRO B 173 -16.11 12.90 -4.02
N GLN B 174 -15.31 11.93 -4.44
CA GLN B 174 -15.51 10.53 -4.10
C GLN B 174 -15.31 10.22 -2.60
N ILE B 175 -14.86 11.19 -1.81
CA ILE B 175 -14.79 11.00 -0.35
C ILE B 175 -16.19 10.69 0.19
N THR B 177 -18.20 8.64 -1.01
CA THR B 177 -18.30 7.19 -1.11
C THR B 177 -17.30 6.53 -0.16
N TRP B 178 -16.04 6.92 -0.26
CA TRP B 178 -14.97 6.29 0.51
C TRP B 178 -15.16 6.45 2.01
N ASP B 179 -15.72 7.58 2.43
CA ASP B 179 -15.96 7.87 3.85
C ASP B 179 -17.45 8.17 4.07
N LYS B 180 -18.30 7.42 3.39
CA LYS B 180 -19.75 7.51 3.56
C LYS B 180 -20.19 7.57 5.03
N LYS B 181 -19.71 6.65 5.86
CA LYS B 181 -20.14 6.61 7.27
C LYS B 181 -19.78 7.90 8.00
N ASN B 182 -18.59 8.42 7.75
CA ASN B 182 -18.13 9.63 8.43
C ASN B 182 -18.70 10.91 7.88
N LEU B 183 -19.17 10.89 6.65
CA LEU B 183 -19.49 12.13 5.95
C LEU B 183 -20.93 12.34 5.50
N GLU B 184 -21.65 11.24 5.25
CA GLU B 184 -23.02 11.32 4.79
C GLU B 184 -23.87 12.15 5.75
N GLY B 185 -24.57 13.13 5.21
CA GLY B 185 -25.39 13.99 6.04
C GLY B 185 -24.66 15.11 6.77
N GLN B 186 -23.33 15.15 6.65
CA GLN B 186 -22.52 16.14 7.36
C GLN B 186 -21.77 17.15 6.49
N VAL B 187 -21.41 16.74 5.28
CA VAL B 187 -20.80 17.62 4.30
C VAL B 187 -21.24 17.24 2.89
N GLN B 188 -20.93 18.07 1.93
CA GLN B 188 -21.09 17.75 0.52
C GLN B 188 -19.80 18.20 -0.14
N VAL B 189 -19.56 17.74 -1.35
CA VAL B 189 -18.34 18.14 -2.05
C VAL B 189 -18.61 18.65 -3.46
N GLN B 190 -18.20 19.88 -3.71
CA GLN B 190 -18.35 20.52 -4.99
C GLN B 190 -17.31 19.99 -5.97
N ASP B 191 -17.70 19.89 -7.23
CA ASP B 191 -16.79 19.55 -8.32
C ASP B 191 -15.53 20.38 -8.22
N ILE B 192 -14.39 19.75 -8.48
CA ILE B 192 -13.11 20.42 -8.37
C ILE B 192 -12.99 21.69 -9.22
N VAL B 193 -13.24 21.56 -10.52
CA VAL B 193 -13.18 22.70 -11.43
C VAL B 193 -14.19 23.81 -11.07
N GLU B 194 -15.42 23.43 -10.75
CA GLU B 194 -16.42 24.42 -10.35
C GLU B 194 -16.00 25.16 -9.08
N SER B 195 -15.40 24.45 -8.16
N SER B 195 -15.38 24.50 -8.07
CA SER B 195 -14.85 25.10 -6.95
CA SER B 195 -14.83 25.15 -6.86
C SER B 195 -13.77 26.12 -7.28
C SER B 195 -13.75 26.17 -7.19
N ALA B 196 -12.86 25.73 -8.19
CA ALA B 196 -11.79 26.63 -8.60
C ALA B 196 -12.36 27.89 -9.23
N ASN B 197 -13.31 27.71 -10.15
CA ASN B 197 -13.93 28.84 -10.84
C ASN B 197 -14.71 29.76 -9.90
N GLU B 198 -15.30 29.21 -8.83
CA GLU B 198 -16.01 30.02 -7.84
C GLU B 198 -15.05 30.81 -6.97
N THR B 199 -13.90 30.21 -6.67
CA THR B 199 -13.00 30.75 -5.65
C THR B 199 -11.88 31.66 -6.19
N ILE B 200 -11.27 31.35 -7.31
N ILE B 200 -11.31 31.30 -7.32
CA ILE B 200 -10.19 32.15 -7.95
CA ILE B 200 -10.24 32.10 -7.90
C ILE B 200 -10.52 33.65 -8.05
C ILE B 200 -10.56 33.60 -8.03
N PRO B 201 -11.77 33.97 -8.49
CA PRO B 201 -12.10 35.40 -8.61
C PRO B 201 -11.97 36.20 -7.29
N LYS B 202 -12.31 35.50 -6.21
CA LYS B 202 -12.19 36.07 -4.88
C LYS B 202 -10.73 36.25 -4.48
N LYS B 204 -8.23 36.69 -6.55
CA LYS B 204 -7.72 37.78 -7.34
C LYS B 204 -8.20 39.13 -6.77
N ALA B 205 -9.47 39.21 -6.38
CA ALA B 205 -10.00 40.42 -5.79
C ALA B 205 -9.28 40.80 -4.51
N GLU B 206 -8.95 39.80 -3.71
CA GLU B 206 -8.23 40.04 -2.47
C GLU B 206 -6.72 40.22 -2.66
N GLY B 207 -6.26 40.30 -3.90
CA GLY B 207 -4.90 40.71 -4.18
C GLY B 207 -3.86 39.64 -4.54
N ALA B 208 -4.28 38.39 -4.62
CA ALA B 208 -3.32 37.35 -4.96
C ALA B 208 -2.60 37.63 -6.27
N ASP B 209 -1.27 37.60 -6.21
CA ASP B 209 -0.41 37.73 -7.39
C ASP B 209 -0.01 36.37 -8.01
N VAL B 210 0.24 35.37 -7.15
CA VAL B 210 0.56 34.01 -7.54
C VAL B 210 -0.44 33.10 -6.82
N ILE B 211 -1.01 32.16 -7.60
CA ILE B 211 -1.96 31.21 -7.05
C ILE B 211 -1.41 29.81 -7.21
N ILE B 212 -1.29 29.13 -6.09
CA ILE B 212 -0.81 27.72 -6.09
C ILE B 212 -1.97 26.80 -5.76
N ALA B 213 -2.24 25.83 -6.61
CA ALA B 213 -3.22 24.84 -6.34
C ALA B 213 -2.63 23.60 -5.68
N LEU B 214 -3.10 23.29 -4.48
CA LEU B 214 -2.80 22.03 -3.84
C LEU B 214 -3.96 21.10 -4.21
N ALA B 215 -3.82 20.48 -5.38
CA ALA B 215 -4.88 19.70 -5.98
C ALA B 215 -4.66 18.24 -5.67
N HIS B 216 -5.38 17.76 -4.66
CA HIS B 216 -5.28 16.34 -4.28
C HIS B 216 -6.14 15.53 -5.22
N THR B 217 -5.56 15.30 -6.39
CA THR B 217 -6.26 14.73 -7.54
C THR B 217 -5.19 14.52 -8.61
N GLY B 218 -5.37 13.50 -9.41
CA GLY B 218 -4.40 13.08 -10.42
C GLY B 218 -4.71 13.60 -11.80
N ILE B 219 -4.04 12.99 -12.76
CA ILE B 219 -3.94 13.46 -14.13
C ILE B 219 -4.49 12.41 -15.07
N GLU B 220 -5.35 12.85 -15.99
CA GLU B 220 -5.72 12.06 -17.16
C GLU B 220 -5.31 12.86 -18.39
N LYS B 221 -5.21 12.17 -19.52
CA LYS B 221 -4.65 12.77 -20.73
C LYS B 221 -5.61 13.61 -21.53
N GLN B 222 -6.90 13.46 -21.26
CA GLN B 222 -7.93 14.19 -21.99
C GLN B 222 -9.01 14.73 -21.04
N ALA B 223 -9.83 15.63 -21.57
CA ALA B 223 -10.88 16.28 -20.80
C ALA B 223 -11.86 15.29 -20.19
N GLN B 224 -12.33 15.66 -19.01
CA GLN B 224 -13.41 14.99 -18.34
C GLN B 224 -14.47 16.02 -17.95
N SER B 225 -15.68 15.46 -17.41
N SER B 225 -15.59 15.54 -17.44
CA SER B 225 -16.72 16.38 -16.99
CA SER B 225 -16.70 16.40 -17.03
C SER B 225 -16.76 16.54 -15.49
C SER B 225 -16.77 16.56 -15.51
N SER B 226 -17.77 17.22 -14.99
N SER B 226 -17.79 17.23 -15.01
CA SER B 226 -17.80 17.50 -13.55
CA SER B 226 -17.85 17.47 -13.58
C SER B 226 -17.86 16.22 -12.78
C SER B 226 -17.89 16.19 -12.77
N GLY B 227 -17.29 16.22 -11.59
CA GLY B 227 -17.30 15.13 -10.72
C GLY B 227 -16.12 14.17 -10.81
N ALA B 228 -15.23 14.45 -11.76
CA ALA B 228 -14.07 13.60 -12.00
C ALA B 228 -13.18 13.47 -10.77
N GLU B 229 -12.70 12.25 -10.55
CA GLU B 229 -11.79 11.94 -9.46
C GLU B 229 -10.41 12.55 -9.67
N ASN B 230 -9.93 12.49 -10.91
CA ASN B 230 -8.59 12.90 -11.29
C ASN B 230 -8.67 14.03 -12.32
N ALA B 231 -8.68 15.26 -11.81
CA ALA B 231 -9.14 16.42 -12.56
C ALA B 231 -8.07 17.44 -12.93
N VAL B 232 -6.80 17.13 -12.75
CA VAL B 232 -5.74 18.11 -13.03
C VAL B 232 -5.78 18.67 -14.47
N PHE B 233 -6.00 17.80 -15.45
CA PHE B 233 -6.07 18.29 -16.84
C PHE B 233 -7.16 19.33 -16.99
N ASP B 234 -8.30 19.08 -16.37
CA ASP B 234 -9.42 20.03 -16.40
C ASP B 234 -9.14 21.34 -15.63
N LEU B 235 -8.49 21.24 -14.48
CA LEU B 235 -8.04 22.42 -13.77
C LEU B 235 -7.14 23.28 -14.64
N ALA B 236 -6.20 22.64 -15.33
CA ALA B 236 -5.22 23.38 -16.12
C ALA B 236 -5.83 24.04 -17.37
N THR B 237 -6.88 23.45 -17.92
CA THR B 237 -7.52 23.86 -19.21
C THR B 237 -8.79 24.67 -18.98
N LYS B 238 -9.56 24.43 -17.94
CA LYS B 238 -10.92 25.02 -17.83
C LYS B 238 -10.94 26.19 -16.92
N THR B 239 -9.86 26.48 -16.24
CA THR B 239 -9.84 27.62 -15.32
C THR B 239 -8.89 28.70 -15.81
N LYS B 240 -8.84 29.83 -15.12
N LYS B 240 -8.83 29.83 -15.12
CA LYS B 240 -7.89 30.86 -15.45
CA LYS B 240 -7.87 30.85 -15.44
C LYS B 240 -7.36 31.46 -14.17
C LYS B 240 -7.35 31.45 -14.17
N GLY B 241 -6.17 31.63 -14.00
CA GLY B 241 -5.55 32.28 -12.85
C GLY B 241 -4.69 31.42 -11.94
N ILE B 242 -4.61 30.11 -12.20
CA ILE B 242 -3.72 29.26 -11.42
C ILE B 242 -2.33 29.30 -12.05
N ASP B 243 -1.33 29.57 -11.23
CA ASP B 243 0.05 29.68 -11.69
C ASP B 243 0.90 28.44 -11.51
N ALA B 244 0.47 27.56 -10.61
CA ALA B 244 1.21 26.31 -10.32
C ALA B 244 0.25 25.32 -9.72
N ILE B 245 0.42 24.06 -10.09
CA ILE B 245 -0.42 22.96 -9.60
C ILE B 245 0.43 21.84 -9.00
N ILE B 246 0.13 21.51 -7.76
CA ILE B 246 0.69 20.30 -7.14
C ILE B 246 -0.38 19.20 -7.26
N SER B 247 -0.01 18.04 -7.77
N SER B 247 -0.03 18.02 -7.80
CA SER B 247 -0.87 16.90 -8.01
CA SER B 247 -0.96 16.94 -8.00
C SER B 247 -0.50 15.73 -7.17
C SER B 247 -0.53 15.75 -7.16
N GLY B 248 -1.48 14.89 -6.86
CA GLY B 248 -1.20 13.67 -6.13
C GLY B 248 -2.28 12.65 -6.41
N HIS B 249 -2.64 11.93 -5.36
CA HIS B 249 -3.71 10.97 -5.33
C HIS B 249 -3.38 9.67 -6.08
N GLN B 250 -2.89 9.75 -7.32
CA GLN B 250 -2.62 8.55 -8.13
C GLN B 250 -1.34 7.81 -7.74
N HIS B 251 -0.46 8.44 -6.98
CA HIS B 251 0.82 7.83 -6.58
C HIS B 251 1.72 7.60 -7.81
N GLY B 252 1.49 8.36 -8.87
CA GLY B 252 2.33 8.30 -10.05
C GLY B 252 3.39 9.37 -10.08
N LEU B 253 4.01 9.53 -11.25
CA LEU B 253 5.04 10.53 -11.49
C LEU B 253 4.59 11.53 -12.56
N PHE B 254 4.83 12.79 -12.28
CA PHE B 254 4.73 13.83 -13.31
C PHE B 254 5.71 14.96 -13.01
N PRO B 255 6.47 15.42 -13.99
CA PRO B 255 6.41 14.95 -15.38
C PRO B 255 6.99 13.56 -15.58
N SER B 256 6.60 12.96 -16.68
CA SER B 256 7.15 11.68 -17.09
C SER B 256 6.93 11.50 -18.59
N ALA B 257 7.75 10.64 -19.19
CA ALA B 257 7.82 10.45 -20.63
C ALA B 257 6.51 10.01 -21.27
N GLU B 258 5.68 9.33 -20.51
CA GLU B 258 4.42 8.85 -20.98
C GLU B 258 3.53 9.96 -21.61
N TYR B 259 3.70 11.18 -21.15
CA TYR B 259 2.85 12.29 -21.57
C TYR B 259 3.37 13.04 -22.80
N ALA B 260 4.56 12.65 -23.26
CA ALA B 260 5.12 13.28 -24.43
C ALA B 260 4.23 13.01 -25.63
N GLY B 261 3.85 14.06 -26.32
CA GLY B 261 2.97 13.91 -27.47
C GLY B 261 1.48 14.02 -27.17
N VAL B 262 1.11 14.14 -25.91
CA VAL B 262 -0.29 14.36 -25.53
C VAL B 262 -0.58 15.86 -25.63
N ALA B 263 -1.66 16.21 -26.32
CA ALA B 263 -2.00 17.61 -26.49
C ALA B 263 -2.07 18.32 -25.13
N GLN B 264 -1.47 19.49 -25.06
CA GLN B 264 -1.44 20.38 -23.90
C GLN B 264 -0.28 20.07 -22.95
N PHE B 265 0.35 18.91 -23.11
CA PHE B 265 1.46 18.54 -22.24
C PHE B 265 2.82 18.98 -22.81
N ASN B 266 3.69 19.47 -21.95
CA ASN B 266 5.09 19.68 -22.28
C ASN B 266 5.94 19.00 -21.22
N VAL B 267 6.47 17.82 -21.54
CA VAL B 267 7.19 17.02 -20.59
C VAL B 267 8.52 17.67 -20.19
N GLU B 268 9.20 18.27 -21.15
CA GLU B 268 10.48 18.90 -20.89
C GLU B 268 10.33 20.01 -19.86
N LYS B 269 9.31 20.83 -20.03
CA LYS B 269 9.05 21.92 -19.10
C LYS B 269 8.24 21.52 -17.88
N GLY B 270 7.61 20.33 -17.89
CA GLY B 270 6.69 19.92 -16.83
C GLY B 270 5.48 20.76 -16.71
N THR B 271 4.79 21.01 -17.83
CA THR B 271 3.60 21.84 -17.87
C THR B 271 2.42 21.19 -18.54
N ILE B 272 1.26 21.66 -18.14
CA ILE B 272 -0.02 21.24 -18.78
C ILE B 272 -0.75 22.57 -19.02
N ASN B 273 -1.06 22.81 -20.29
CA ASN B 273 -1.61 24.07 -20.76
C ASN B 273 -0.77 25.25 -20.29
N GLY B 274 0.55 25.06 -20.27
CA GLY B 274 1.47 26.11 -19.92
C GLY B 274 1.65 26.36 -18.44
N ILE B 275 0.97 25.59 -17.60
CA ILE B 275 1.08 25.74 -16.15
C ILE B 275 1.95 24.62 -15.60
N PRO B 276 2.94 24.94 -14.78
CA PRO B 276 3.77 23.86 -14.22
C PRO B 276 2.97 22.98 -13.26
N VAL B 277 3.19 21.68 -13.39
CA VAL B 277 2.52 20.66 -12.58
C VAL B 277 3.55 19.65 -12.11
N VAL B 278 3.46 19.26 -10.86
CA VAL B 278 4.31 18.18 -10.36
C VAL B 278 3.49 17.18 -9.56
N PRO B 280 4.82 14.21 -7.15
CA PRO B 280 6.02 13.49 -6.63
C PRO B 280 5.73 12.18 -5.96
N SER B 281 5.16 11.25 -6.72
CA SER B 281 5.06 9.85 -6.27
C SER B 281 4.21 9.73 -4.98
N SER B 282 4.68 8.92 -4.04
CA SER B 282 4.01 8.72 -2.76
C SER B 282 5.06 8.39 -1.72
N TRP B 283 4.67 8.51 -0.45
CA TRP B 283 5.48 8.13 0.70
C TRP B 283 6.82 8.87 0.85
N GLY B 284 6.91 10.03 0.20
CA GLY B 284 8.12 10.83 0.22
C GLY B 284 9.23 10.32 -0.69
N LYS B 285 8.89 9.47 -1.65
CA LYS B 285 9.91 8.92 -2.56
C LYS B 285 10.51 9.94 -3.55
N TYR B 286 9.77 11.03 -3.77
CA TYR B 286 10.20 12.13 -4.62
C TYR B 286 9.78 13.43 -3.94
N LEU B 287 10.50 14.51 -4.25
CA LEU B 287 10.10 15.87 -3.93
C LEU B 287 9.72 16.55 -5.24
N GLY B 288 8.62 17.30 -5.23
CA GLY B 288 8.23 18.11 -6.37
C GLY B 288 8.87 19.48 -6.29
N VAL B 289 9.26 20.00 -7.44
CA VAL B 289 9.95 21.29 -7.53
C VAL B 289 9.39 22.09 -8.68
N ILE B 290 8.76 23.23 -8.38
CA ILE B 290 8.30 24.16 -9.40
C ILE B 290 9.09 25.46 -9.32
N ASP B 291 9.64 25.87 -10.45
CA ASP B 291 10.32 27.15 -10.55
C ASP B 291 9.45 28.09 -11.35
N LEU B 292 9.24 29.27 -10.81
CA LEU B 292 8.52 30.36 -11.47
C LEU B 292 9.46 31.54 -11.63
N LYS B 293 9.48 32.11 -12.83
N LYS B 293 9.49 32.11 -12.84
CA LYS B 293 10.13 33.41 -13.05
CA LYS B 293 10.16 33.41 -13.05
C LYS B 293 9.01 34.43 -13.19
C LYS B 293 9.04 34.44 -13.18
N LEU B 294 8.91 35.31 -12.21
CA LEU B 294 7.87 36.32 -12.04
C LEU B 294 8.43 37.62 -12.61
N GLU B 295 7.58 38.35 -13.33
N GLU B 295 7.59 38.35 -13.33
CA GLU B 295 7.98 39.62 -13.93
CA GLU B 295 7.98 39.64 -13.86
C GLU B 295 6.95 40.71 -13.64
C GLU B 295 6.91 40.63 -13.53
N LYS B 296 7.29 41.82 -13.05
CA LYS B 296 6.22 42.78 -12.86
C LYS B 296 6.07 43.81 -13.99
N ALA B 297 4.84 44.05 -14.39
CA ALA B 297 4.52 45.09 -15.37
C ALA B 297 3.16 45.70 -15.01
N ASP B 298 2.96 46.94 -15.35
CA ASP B 298 1.68 47.56 -15.04
C ASP B 298 1.15 47.25 -13.63
N GLY B 299 2.04 47.13 -12.65
CA GLY B 299 1.65 46.80 -11.28
C GLY B 299 1.15 45.38 -11.07
N SER B 300 1.11 44.61 -12.16
CA SER B 300 0.64 43.23 -12.11
C SER B 300 1.75 42.20 -12.43
N TRP B 301 1.81 41.16 -11.61
CA TRP B 301 2.76 40.09 -11.80
C TRP B 301 2.29 39.05 -12.80
N LYS B 302 3.23 38.51 -13.54
CA LYS B 302 2.96 37.40 -14.43
C LYS B 302 4.12 36.44 -14.35
N VAL B 303 3.87 35.23 -14.80
CA VAL B 303 4.84 34.17 -14.93
C VAL B 303 5.47 34.22 -16.32
N ALA B 304 6.70 34.67 -16.36
CA ALA B 304 7.43 34.82 -17.60
C ALA B 304 7.96 33.47 -18.07
N ASP B 305 8.31 32.60 -17.14
CA ASP B 305 8.82 31.27 -17.45
C ASP B 305 8.57 30.37 -16.24
N SER B 306 8.50 29.08 -16.50
CA SER B 306 8.27 28.10 -15.42
C SER B 306 8.81 26.74 -15.80
N LYS B 307 8.96 25.91 -14.78
CA LYS B 307 9.36 24.53 -14.96
C LYS B 307 8.80 23.72 -13.82
N GLY B 308 8.32 22.52 -14.12
CA GLY B 308 7.93 21.54 -13.11
C GLY B 308 8.85 20.33 -13.21
N SER B 309 9.39 19.88 -12.07
N SER B 309 9.40 19.88 -12.08
CA SER B 309 10.28 18.71 -12.06
CA SER B 309 10.32 18.75 -12.05
C SER B 309 10.09 17.96 -10.77
C SER B 309 10.09 17.96 -10.78
N ILE B 310 10.54 16.71 -10.78
CA ILE B 310 10.55 15.90 -9.55
C ILE B 310 11.94 15.31 -9.35
N GLU B 311 12.31 15.13 -8.08
CA GLU B 311 13.65 14.61 -7.76
C GLU B 311 13.47 13.44 -6.82
N SER B 312 14.05 12.25 -7.11
N SER B 312 14.10 12.30 -7.09
CA SER B 312 14.01 11.07 -6.22
CA SER B 312 14.04 11.11 -6.24
C SER B 312 14.92 11.13 -4.95
C SER B 312 14.93 11.18 -4.97
N ILE B 313 14.52 10.61 -3.95
CA ILE B 313 15.45 10.49 -2.83
C ILE B 313 16.52 9.45 -3.14
N ALA B 314 16.18 8.51 -4.00
CA ALA B 314 17.17 7.51 -4.44
C ALA B 314 18.32 8.17 -5.19
N GLY B 315 19.53 7.91 -4.73
CA GLY B 315 20.71 8.47 -5.35
C GLY B 315 21.11 9.89 -4.95
N ASN B 316 20.21 10.59 -4.26
CA ASN B 316 20.43 11.96 -3.87
C ASN B 316 20.44 12.08 -2.35
N VAL B 317 19.87 11.09 -1.67
CA VAL B 317 19.78 11.09 -0.22
C VAL B 317 20.30 9.77 0.36
N THR B 318 21.13 9.85 1.37
CA THR B 318 21.68 8.62 1.98
C THR B 318 21.47 8.51 3.50
N SER B 319 20.89 9.53 4.13
CA SER B 319 20.66 9.51 5.56
C SER B 319 19.37 10.22 5.97
N ARG B 320 19.01 10.08 7.23
CA ARG B 320 17.82 10.72 7.79
C ARG B 320 18.07 12.16 8.23
N ASN B 321 17.13 13.02 7.91
CA ASN B 321 17.12 14.39 8.41
C ASN B 321 16.90 14.45 9.92
N GLU B 322 17.81 15.11 10.61
N GLU B 322 17.82 15.11 10.61
CA GLU B 322 17.80 15.23 12.06
CA GLU B 322 17.77 15.20 12.07
C GLU B 322 16.55 15.94 12.61
C GLU B 322 16.55 15.94 12.61
N THR B 323 16.05 16.94 11.90
CA THR B 323 14.89 17.69 12.36
C THR B 323 13.67 16.76 12.42
N VAL B 324 13.48 15.97 11.37
CA VAL B 324 12.41 14.98 11.37
C VAL B 324 12.59 13.96 12.49
N THR B 325 13.77 13.36 12.56
CA THR B 325 14.03 12.32 13.55
C THR B 325 13.83 12.82 14.96
N ASN B 326 14.39 13.98 15.28
CA ASN B 326 14.27 14.49 16.63
C ASN B 326 12.82 14.79 17.00
N THR B 327 12.08 15.31 16.04
CA THR B 327 10.71 15.71 16.29
C THR B 327 9.81 14.50 16.50
N ILE B 328 9.96 13.49 15.66
CA ILE B 328 9.06 12.34 15.68
C ILE B 328 9.51 11.17 16.58
N GLN B 329 10.75 11.18 17.03
CA GLN B 329 11.35 10.03 17.70
C GLN B 329 10.47 9.40 18.79
N GLN B 330 10.00 10.20 19.72
CA GLN B 330 9.19 9.65 20.82
C GLN B 330 7.92 8.97 20.30
N THR B 331 7.24 9.62 19.36
CA THR B 331 6.03 9.04 18.78
C THR B 331 6.35 7.75 18.04
N HIS B 332 7.45 7.77 17.31
CA HIS B 332 7.91 6.60 16.59
C HIS B 332 8.18 5.44 17.56
N GLN B 333 8.88 5.70 18.66
CA GLN B 333 9.15 4.64 19.64
C GLN B 333 7.86 4.17 20.30
N ASN B 334 6.93 5.09 20.53
CA ASN B 334 5.63 4.73 21.06
C ASN B 334 4.87 3.84 20.06
N THR B 335 5.03 4.15 18.78
CA THR B 335 4.41 3.35 17.74
C THR B 335 5.01 1.95 17.69
N LEU B 336 6.31 1.84 17.85
CA LEU B 336 6.95 0.53 17.86
C LEU B 336 6.35 -0.32 18.99
N GLU B 337 6.17 0.26 20.17
CA GLU B 337 5.61 -0.47 21.30
C GLU B 337 4.17 -0.90 20.97
N TYR B 338 3.42 0.02 20.38
CA TYR B 338 2.03 -0.23 20.00
C TYR B 338 1.92 -1.39 19.00
N VAL B 339 2.82 -1.44 18.03
CA VAL B 339 2.81 -2.47 17.01
C VAL B 339 3.26 -3.83 17.52
N ARG B 340 4.21 -3.81 18.44
CA ARG B 340 4.88 -5.02 18.92
C ARG B 340 4.05 -5.74 19.94
N LYS B 341 3.01 -5.08 20.39
CA LYS B 341 2.12 -5.57 21.41
C LYS B 341 2.85 -6.45 22.42
#